data_3RBT
#
_entry.id   3RBT
#
_cell.length_a   108.537
_cell.length_b   139.030
_cell.length_c   128.816
_cell.angle_alpha   90.00
_cell.angle_beta   90.00
_cell.angle_gamma   90.00
#
_symmetry.space_group_name_H-M   'C 2 2 21'
#
loop_
_entity.id
_entity.type
_entity.pdbx_description
1 polymer 'Glutathione transferase o1'
2 non-polymer GLYCEROL
3 water water
#
_entity_poly.entity_id   1
_entity_poly.type   'polypeptide(L)'
_entity_poly.pdbx_seq_one_letter_code
;HHHHHHGTYFHSVNAGVIPPPALTDKLRLYHVDMNPYGHRVLLVLEAKRIKYEVYRLDPLRLPEWFRAKNPRLKIPVLEI
PTDQGDRFLFESVVICDYLDEKYTRHTLHSHDPYVKAQDRLLIERFNELIKGSLECFDTNFAFGSEQIIQTLEIFEKELT
NRGTNYFGGNRPGMLDYMVWPWVERLYLLRCVNDRKFVEKKSLFPNFADWGDQMQLDDIVKKHAHSPQEYFDYYKNARAH
SMGYYL
;
_entity_poly.pdbx_strand_id   A,B,C,D
#
loop_
_chem_comp.id
_chem_comp.type
_chem_comp.name
_chem_comp.formula
GOL non-polymer GLYCEROL 'C3 H8 O3'
#
# COMPACT_ATOMS: atom_id res chain seq x y z
N VAL A 17 -9.62 26.64 17.71
CA VAL A 17 -10.25 27.16 18.96
C VAL A 17 -11.01 26.05 19.72
N ILE A 18 -11.69 25.20 18.95
CA ILE A 18 -12.38 24.02 19.47
C ILE A 18 -11.42 22.83 19.42
N PRO A 19 -11.19 22.16 20.55
CA PRO A 19 -10.30 21.00 20.56
C PRO A 19 -10.88 19.80 19.83
N PRO A 20 -10.01 18.89 19.37
CA PRO A 20 -10.46 17.66 18.70
C PRO A 20 -11.17 16.75 19.70
N PRO A 21 -11.89 15.73 19.21
CA PRO A 21 -12.61 14.82 20.11
C PRO A 21 -11.67 13.89 20.86
N ALA A 22 -12.22 13.13 21.80
CA ALA A 22 -11.48 12.08 22.50
C ALA A 22 -10.92 11.06 21.51
N LEU A 23 -9.75 10.51 21.81
CA LEU A 23 -9.13 9.51 20.94
C LEU A 23 -9.94 8.23 20.88
N THR A 24 -9.92 7.57 19.73
CA THR A 24 -10.50 6.25 19.61
C THR A 24 -9.42 5.23 19.27
N ASP A 25 -9.24 4.97 17.98
CA ASP A 25 -8.35 3.90 17.52
C ASP A 25 -6.99 4.40 17.06
N LYS A 26 -6.84 5.71 16.94
CA LYS A 26 -5.59 6.33 16.47
C LYS A 26 -4.92 7.17 17.53
N LEU A 27 -3.60 7.20 17.50
CA LEU A 27 -2.82 8.12 18.31
C LEU A 27 -2.83 9.47 17.60
N ARG A 28 -2.57 10.54 18.34
CA ARG A 28 -2.65 11.89 17.77
C ARG A 28 -1.35 12.66 18.00
N LEU A 29 -0.73 13.10 16.90
CA LEU A 29 0.44 13.93 16.97
C LEU A 29 0.12 15.39 16.69
N TYR A 30 0.40 16.25 17.68
CA TYR A 30 0.41 17.69 17.50
C TYR A 30 1.81 18.12 17.02
N HIS A 31 1.85 18.70 15.83
CA HIS A 31 3.09 18.86 15.08
C HIS A 31 3.07 20.17 14.32
N VAL A 32 4.17 20.91 14.39
CA VAL A 32 4.32 22.08 13.53
C VAL A 32 4.98 21.65 12.22
N ASP A 33 4.33 21.97 11.10
CA ASP A 33 4.83 21.60 9.77
C ASP A 33 6.32 21.94 9.64
N MET A 34 7.11 21.00 9.13
CA MET A 34 8.55 21.18 8.93
C MET A 34 9.40 21.09 10.21
N ASN A 35 8.78 20.84 11.36
CA ASN A 35 9.55 20.67 12.61
C ASN A 35 10.20 19.29 12.63
N PRO A 36 11.54 19.25 12.73
CA PRO A 36 12.32 18.01 12.69
C PRO A 36 12.07 17.06 13.89
N TYR A 37 11.73 17.61 15.06
CA TYR A 37 11.40 16.78 16.23
C TYR A 37 10.09 16.02 16.01
N GLY A 38 9.13 16.67 15.34
CA GLY A 38 7.92 16.01 14.89
C GLY A 38 8.19 15.00 13.77
N HIS A 39 9.08 15.37 12.85
CA HIS A 39 9.51 14.49 11.75
C HIS A 39 10.02 13.16 12.31
N ARG A 40 10.88 13.24 13.33
CA ARG A 40 11.32 12.11 14.14
C ARG A 40 10.20 11.17 14.59
N VAL A 41 9.19 11.75 15.24
CA VAL A 41 8.08 10.98 15.75
C VAL A 41 7.24 10.41 14.59
N LEU A 42 7.06 11.18 13.52
CA LEU A 42 6.36 10.67 12.33
C LEU A 42 7.05 9.42 11.75
N LEU A 43 8.38 9.46 11.68
CA LEU A 43 9.16 8.32 11.19
C LEU A 43 8.95 7.04 12.01
N VAL A 44 9.03 7.18 13.33
CA VAL A 44 8.86 6.06 14.27
C VAL A 44 7.45 5.47 14.20
N LEU A 45 6.44 6.32 14.26
CA LEU A 45 5.04 5.88 14.13
C LEU A 45 4.83 5.06 12.87
N GLU A 46 5.40 5.53 11.77
CA GLU A 46 5.27 4.86 10.48
C GLU A 46 6.05 3.54 10.51
N ALA A 47 7.29 3.58 11.00
CA ALA A 47 8.11 2.36 11.14
C ALA A 47 7.41 1.28 11.97
N LYS A 48 6.71 1.71 13.02
CA LYS A 48 6.01 0.76 13.89
C LYS A 48 4.59 0.47 13.42
N ARG A 49 4.20 1.13 12.33
CA ARG A 49 2.90 0.89 11.69
C ARG A 49 1.76 1.07 12.69
N ILE A 50 1.81 2.21 13.39
CA ILE A 50 0.77 2.60 14.35
C ILE A 50 -0.10 3.66 13.67
N LYS A 51 -1.40 3.51 13.82
CA LYS A 51 -2.34 4.44 13.22
C LYS A 51 -2.30 5.74 13.99
N TYR A 52 -2.30 6.86 13.27
CA TYR A 52 -2.23 8.15 13.91
C TYR A 52 -2.87 9.22 13.03
N GLU A 53 -3.16 10.36 13.64
CA GLU A 53 -3.56 11.55 12.89
C GLU A 53 -2.65 12.70 13.32
N VAL A 54 -2.45 13.66 12.42
CA VAL A 54 -1.66 14.83 12.70
C VAL A 54 -2.55 16.05 12.89
N TYR A 55 -2.47 16.67 14.05
CA TYR A 55 -3.06 17.99 14.22
C TYR A 55 -1.99 19.05 14.05
N ARG A 56 -2.12 19.78 12.94
CA ARG A 56 -1.17 20.82 12.58
C ARG A 56 -1.33 22.03 13.50
N LEU A 57 -0.22 22.40 14.14
CA LEU A 57 -0.18 23.56 15.00
C LEU A 57 0.33 24.77 14.23
N ASP A 58 -0.38 25.89 14.35
CA ASP A 58 0.07 27.17 13.85
C ASP A 58 0.87 27.84 14.97
N PRO A 59 2.19 28.03 14.76
CA PRO A 59 3.07 28.62 15.79
C PRO A 59 2.62 30.01 16.22
N LEU A 60 1.90 30.70 15.35
CA LEU A 60 1.40 32.04 15.65
C LEU A 60 0.07 31.94 16.38
N ARG A 61 -0.97 31.49 15.68
CA ARG A 61 -2.31 31.37 16.25
C ARG A 61 -2.51 30.03 16.98
N LEU A 62 -2.06 30.00 18.22
CA LEU A 62 -2.06 28.81 19.05
C LEU A 62 -3.31 28.74 19.95
N PRO A 63 -3.97 27.56 20.02
CA PRO A 63 -5.20 27.46 20.80
C PRO A 63 -4.93 27.49 22.29
N GLU A 64 -5.82 28.17 23.02
CA GLU A 64 -5.69 28.36 24.47
C GLU A 64 -5.67 27.05 25.25
N TRP A 65 -6.51 26.10 24.83
CA TRP A 65 -6.57 24.78 25.47
C TRP A 65 -5.28 24.00 25.28
N PHE A 66 -4.55 24.29 24.21
CA PHE A 66 -3.25 23.66 23.97
C PHE A 66 -2.21 24.22 24.93
N ARG A 67 -2.09 25.55 25.00
CA ARG A 67 -1.20 26.20 25.97
C ARG A 67 -1.47 25.70 27.38
N ALA A 68 -2.74 25.59 27.75
CA ALA A 68 -3.12 25.13 29.09
C ALA A 68 -2.59 23.74 29.42
N LYS A 69 -2.60 22.82 28.44
CA LYS A 69 -2.10 21.46 28.65
C LYS A 69 -0.58 21.37 28.43
N ASN A 70 0.01 22.46 27.97
CA ASN A 70 1.40 22.49 27.55
C ASN A 70 1.96 23.91 27.68
N PRO A 71 2.10 24.40 28.94
CA PRO A 71 2.43 25.82 29.18
C PRO A 71 3.80 26.25 28.67
N ARG A 72 4.74 25.31 28.61
CA ARG A 72 6.07 25.57 28.06
C ARG A 72 6.12 25.40 26.53
N LEU A 73 4.98 25.04 25.94
CA LEU A 73 4.80 24.93 24.48
C LEU A 73 5.81 24.00 23.79
N LYS A 74 6.02 22.83 24.39
CA LYS A 74 6.95 21.85 23.87
C LYS A 74 6.33 21.18 22.64
N ILE A 75 7.20 20.83 21.69
CA ILE A 75 6.76 20.18 20.46
C ILE A 75 7.73 19.07 20.05
N PRO A 76 7.21 18.01 19.41
CA PRO A 76 5.78 17.78 19.16
C PRO A 76 5.10 17.25 20.41
N VAL A 77 3.80 16.99 20.33
CA VAL A 77 3.09 16.33 21.41
C VAL A 77 2.40 15.09 20.86
N LEU A 78 2.61 13.96 21.52
CA LEU A 78 1.87 12.76 21.18
C LEU A 78 0.79 12.56 22.23
N GLU A 79 -0.46 12.57 21.78
CA GLU A 79 -1.59 12.33 22.67
C GLU A 79 -2.00 10.88 22.53
N ILE A 80 -2.13 10.20 23.66
CA ILE A 80 -2.33 8.75 23.70
C ILE A 80 -3.50 8.43 24.64
N PRO A 81 -4.19 7.29 24.42
CA PRO A 81 -5.17 6.86 25.40
C PRO A 81 -4.45 6.26 26.60
N THR A 82 -4.98 6.51 27.80
CA THR A 82 -4.47 5.84 28.99
C THR A 82 -5.66 5.31 29.79
N ASP A 83 -5.36 4.62 30.89
CA ASP A 83 -6.39 4.10 31.81
C ASP A 83 -7.23 5.21 32.43
N GLN A 84 -6.62 6.38 32.58
CA GLN A 84 -7.23 7.52 33.25
C GLN A 84 -7.67 8.61 32.26
N GLY A 85 -7.61 8.29 30.97
CA GLY A 85 -8.03 9.24 29.93
C GLY A 85 -6.89 9.65 29.00
N ASP A 86 -7.22 10.47 28.00
CA ASP A 86 -6.23 10.91 27.02
C ASP A 86 -5.15 11.79 27.64
N ARG A 87 -3.89 11.49 27.34
CA ARG A 87 -2.77 12.21 27.92
C ARG A 87 -1.77 12.71 26.89
N PHE A 88 -1.23 13.89 27.16
CA PHE A 88 -0.13 14.43 26.40
C PHE A 88 1.18 13.75 26.81
N LEU A 89 1.98 13.36 25.82
CA LEU A 89 3.35 12.92 26.06
C LEU A 89 4.29 13.87 25.34
N PHE A 90 5.34 14.29 26.05
CA PHE A 90 6.27 15.29 25.57
C PHE A 90 7.66 14.70 25.33
N GLU A 91 8.48 15.46 24.59
CA GLU A 91 9.90 15.19 24.32
C GLU A 91 10.11 14.01 23.35
N SER A 92 10.67 14.31 22.18
CA SER A 92 10.70 13.35 21.05
C SER A 92 11.35 12.02 21.38
N VAL A 93 12.45 12.07 22.15
CA VAL A 93 13.12 10.86 22.61
C VAL A 93 12.22 10.01 23.51
N VAL A 94 11.59 10.64 24.49
CA VAL A 94 10.69 9.94 25.40
C VAL A 94 9.50 9.35 24.64
N ILE A 95 8.98 10.14 23.70
CA ILE A 95 7.84 9.75 22.86
C ILE A 95 8.17 8.53 22.02
N CYS A 96 9.31 8.56 21.34
CA CYS A 96 9.70 7.49 20.45
C CYS A 96 10.02 6.21 21.24
N ASP A 97 10.64 6.37 22.41
CA ASP A 97 10.95 5.23 23.28
C ASP A 97 9.69 4.62 23.87
N TYR A 98 8.73 5.48 24.25
CA TYR A 98 7.42 5.01 24.68
C TYR A 98 6.81 4.11 23.61
N LEU A 99 6.79 4.59 22.36
CA LEU A 99 6.23 3.85 21.24
C LEU A 99 6.93 2.53 21.01
N ASP A 100 8.25 2.51 21.14
CA ASP A 100 9.01 1.28 20.93
C ASP A 100 8.79 0.21 22.01
N GLU A 101 8.50 0.66 23.23
CA GLU A 101 8.15 -0.21 24.37
C GLU A 101 6.69 -0.65 24.37
N LYS A 102 5.79 0.29 24.12
CA LYS A 102 4.34 0.01 24.17
C LYS A 102 3.93 -1.00 23.10
N TYR A 103 4.45 -0.81 21.90
CA TYR A 103 4.10 -1.62 20.74
C TYR A 103 5.27 -2.55 20.43
N THR A 104 5.07 -3.83 20.67
CA THR A 104 6.11 -4.85 20.62
C THR A 104 6.50 -5.30 19.19
N ARG A 105 5.58 -5.19 18.25
CA ARG A 105 5.89 -5.44 16.84
C ARG A 105 6.83 -4.37 16.27
N HIS A 106 7.67 -4.77 15.32
CA HIS A 106 8.57 -3.87 14.60
C HIS A 106 9.47 -3.04 15.54
N THR A 107 10.17 -3.73 16.44
CA THR A 107 11.03 -3.10 17.44
C THR A 107 12.21 -2.37 16.76
N LEU A 108 12.58 -1.23 17.31
CA LEU A 108 13.55 -0.34 16.67
C LEU A 108 14.86 -0.30 17.42
N HIS A 109 14.80 -0.27 18.76
CA HIS A 109 16.00 -0.32 19.59
C HIS A 109 16.64 -1.71 19.49
N SER A 110 17.95 -1.76 19.67
CA SER A 110 18.66 -3.02 19.78
C SER A 110 18.13 -3.81 20.97
N HIS A 111 18.12 -5.13 20.82
CA HIS A 111 17.82 -6.07 21.91
C HIS A 111 18.98 -6.13 22.91
N ASP A 112 20.14 -5.65 22.51
CA ASP A 112 21.35 -5.67 23.31
C ASP A 112 21.42 -4.34 24.09
N PRO A 113 21.35 -4.41 25.43
CA PRO A 113 21.37 -3.22 26.28
C PRO A 113 22.65 -2.38 26.10
N TYR A 114 23.79 -3.03 25.86
CA TYR A 114 25.02 -2.26 25.59
C TYR A 114 24.90 -1.46 24.29
N VAL A 115 24.45 -2.11 23.22
CA VAL A 115 24.28 -1.45 21.92
C VAL A 115 23.25 -0.33 22.02
N LYS A 116 22.17 -0.58 22.76
CA LYS A 116 21.14 0.43 22.93
C LYS A 116 21.70 1.64 23.72
N ALA A 117 22.46 1.38 24.78
CA ALA A 117 23.12 2.44 25.53
C ALA A 117 24.02 3.30 24.63
N GLN A 118 24.77 2.65 23.74
CA GLN A 118 25.59 3.35 22.75
C GLN A 118 24.75 4.18 21.79
N ASP A 119 23.64 3.61 21.35
CA ASP A 119 22.67 4.34 20.52
C ASP A 119 22.14 5.58 21.21
N ARG A 120 21.81 5.46 22.50
CA ARG A 120 21.35 6.61 23.30
C ARG A 120 22.41 7.69 23.43
N LEU A 121 23.66 7.27 23.61
CA LEU A 121 24.79 8.20 23.70
C LEU A 121 25.02 8.97 22.40
N LEU A 122 24.78 8.30 21.28
CA LEU A 122 24.93 8.88 19.95
C LEU A 122 23.80 9.88 19.65
N ILE A 123 22.58 9.54 20.07
CA ILE A 123 21.46 10.48 19.98
C ILE A 123 21.81 11.79 20.70
N GLU A 124 22.33 11.67 21.93
CA GLU A 124 22.75 12.85 22.67
C GLU A 124 23.87 13.61 21.94
N ARG A 125 24.92 12.90 21.53
CA ARG A 125 25.98 13.47 20.69
C ARG A 125 25.47 14.23 19.45
N PHE A 126 24.44 13.69 18.80
CA PHE A 126 23.83 14.30 17.61
C PHE A 126 23.26 15.70 17.89
N ASN A 127 22.96 16.00 19.15
CA ASN A 127 22.46 17.33 19.51
C ASN A 127 23.37 18.48 19.08
N GLU A 128 24.67 18.20 18.96
CA GLU A 128 25.64 19.20 18.50
C GLU A 128 25.44 19.55 17.01
N LEU A 129 25.06 18.55 16.22
CA LEU A 129 24.74 18.76 14.81
C LEU A 129 23.43 19.57 14.70
N ILE A 130 22.47 19.22 15.56
CA ILE A 130 21.20 19.95 15.62
C ILE A 130 21.42 21.44 15.93
N LYS A 131 22.22 21.74 16.96
CA LYS A 131 22.52 23.13 17.34
C LYS A 131 23.11 23.93 16.18
N GLY A 132 24.15 23.37 15.54
CA GLY A 132 24.76 23.97 14.36
C GLY A 132 23.80 24.17 13.19
N SER A 133 22.95 23.18 12.95
CA SER A 133 21.97 23.28 11.86
C SER A 133 20.93 24.35 12.15
N LEU A 134 20.52 24.44 13.42
CA LEU A 134 19.57 25.43 13.89
C LEU A 134 20.05 26.87 13.62
N GLU A 135 21.30 27.14 14.01
CA GLU A 135 21.93 28.43 13.79
C GLU A 135 22.10 28.72 12.30
N CYS A 136 22.44 27.68 11.55
CA CYS A 136 22.65 27.76 10.12
C CYS A 136 21.39 28.26 9.40
N PHE A 137 20.26 27.60 9.65
CA PHE A 137 19.02 27.88 8.93
C PHE A 137 18.39 29.20 9.40
N ASP A 138 18.90 29.70 10.52
CA ASP A 138 18.42 30.92 11.14
C ASP A 138 19.13 32.15 10.54
N THR A 139 20.32 31.94 9.97
CA THR A 139 21.20 33.04 9.58
C THR A 139 21.61 33.04 8.10
N ASN A 140 20.64 32.76 7.21
CA ASN A 140 20.92 32.51 5.78
C ASN A 140 22.15 31.60 5.53
N PHE A 141 22.15 30.45 6.20
CA PHE A 141 23.09 29.35 5.95
C PHE A 141 24.55 29.80 5.96
N ALA A 142 24.82 30.81 6.78
CA ALA A 142 26.15 31.43 6.88
C ALA A 142 27.00 30.90 8.04
N PHE A 143 26.35 30.40 9.08
CA PHE A 143 27.06 30.03 10.31
C PHE A 143 26.80 28.61 10.81
N GLY A 144 27.69 28.16 11.71
CA GLY A 144 27.59 26.87 12.42
C GLY A 144 27.79 25.61 11.58
N SER A 145 28.39 25.77 10.40
CA SER A 145 28.81 24.66 9.56
C SER A 145 29.79 23.73 10.29
N GLU A 146 30.60 24.31 11.18
CA GLU A 146 31.68 23.58 11.87
C GLU A 146 31.16 22.54 12.86
N GLN A 147 30.07 22.87 13.56
CA GLN A 147 29.39 21.92 14.44
C GLN A 147 28.84 20.72 13.66
N ILE A 148 28.28 21.00 12.49
CA ILE A 148 27.77 19.98 11.57
C ILE A 148 28.88 18.99 11.21
N ILE A 149 29.99 19.53 10.72
CA ILE A 149 31.11 18.74 10.21
C ILE A 149 31.74 17.84 11.28
N GLN A 150 32.03 18.41 12.45
CA GLN A 150 32.60 17.68 13.58
C GLN A 150 31.75 16.49 14.02
N THR A 151 30.43 16.69 14.07
CA THR A 151 29.50 15.62 14.43
C THR A 151 29.48 14.55 13.33
N LEU A 152 29.49 14.98 12.07
CA LEU A 152 29.50 14.03 10.96
C LEU A 152 30.74 13.12 10.97
N GLU A 153 31.88 13.64 11.43
CA GLU A 153 33.10 12.82 11.54
C GLU A 153 32.90 11.67 12.55
N ILE A 154 32.23 11.98 13.67
CA ILE A 154 31.93 10.99 14.70
C ILE A 154 31.03 9.89 14.16
N PHE A 155 29.96 10.28 13.46
CA PHE A 155 29.02 9.33 12.91
C PHE A 155 29.56 8.52 11.73
N GLU A 156 30.51 9.10 11.00
CA GLU A 156 31.19 8.39 9.92
C GLU A 156 32.02 7.25 10.50
N LYS A 157 32.82 7.59 11.50
CA LYS A 157 33.64 6.62 12.22
C LYS A 157 32.81 5.53 12.88
N GLU A 158 31.69 5.92 13.48
CA GLU A 158 30.79 4.97 14.13
C GLU A 158 30.14 4.00 13.15
N LEU A 159 29.61 4.53 12.04
CA LEU A 159 29.00 3.68 11.01
C LEU A 159 30.03 2.71 10.41
N THR A 160 31.24 3.22 10.15
CA THR A 160 32.34 2.40 9.63
C THR A 160 32.66 1.25 10.60
N ASN A 161 32.74 1.57 11.89
CA ASN A 161 33.05 0.59 12.92
C ASN A 161 32.02 -0.53 13.02
N ARG A 162 30.76 -0.18 12.77
CA ARG A 162 29.67 -1.14 12.80
C ARG A 162 29.68 -2.07 11.57
N GLY A 163 30.06 -1.53 10.40
CA GLY A 163 30.19 -2.34 9.19
C GLY A 163 28.88 -2.85 8.61
N THR A 164 27.79 -2.17 8.93
CA THR A 164 26.48 -2.50 8.39
C THR A 164 25.97 -1.36 7.51
N ASN A 165 24.97 -1.66 6.68
CA ASN A 165 24.34 -0.63 5.85
C ASN A 165 23.70 0.50 6.65
N TYR A 166 23.19 0.18 7.84
CA TYR A 166 22.58 1.17 8.72
C TYR A 166 23.13 1.04 10.12
N PHE A 167 22.88 2.06 10.95
CA PHE A 167 23.23 2.01 12.36
C PHE A 167 22.51 0.87 13.07
N GLY A 168 21.29 0.58 12.61
CA GLY A 168 20.49 -0.54 13.15
C GLY A 168 20.87 -1.93 12.66
N GLY A 169 21.81 -2.01 11.72
CA GLY A 169 22.19 -3.30 11.14
C GLY A 169 21.83 -3.37 9.68
N ASN A 170 21.24 -4.49 9.27
CA ASN A 170 20.83 -4.71 7.87
C ASN A 170 19.62 -3.87 7.47
N ARG A 171 18.85 -3.46 8.46
CA ARG A 171 17.69 -2.59 8.29
C ARG A 171 17.82 -1.40 9.23
N PRO A 172 17.15 -0.27 8.90
CA PRO A 172 17.21 0.89 9.79
C PRO A 172 16.60 0.62 11.17
N GLY A 173 17.25 1.13 12.21
CA GLY A 173 16.76 0.99 13.59
C GLY A 173 16.48 2.35 14.18
N MET A 174 16.27 2.40 15.50
CA MET A 174 15.95 3.64 16.19
C MET A 174 16.94 4.78 15.91
N LEU A 175 18.24 4.51 16.01
CA LEU A 175 19.24 5.56 15.77
C LEU A 175 19.10 6.18 14.35
N ASP A 176 19.01 5.34 13.33
CA ASP A 176 18.78 5.81 11.96
C ASP A 176 17.64 6.83 11.84
N TYR A 177 16.47 6.50 12.36
CA TYR A 177 15.32 7.39 12.25
C TYR A 177 15.40 8.62 13.16
N MET A 178 16.01 8.48 14.34
CA MET A 178 16.20 9.59 15.27
C MET A 178 17.05 10.71 14.65
N VAL A 179 18.03 10.29 13.85
CA VAL A 179 19.03 11.17 13.28
C VAL A 179 18.60 11.75 11.92
N TRP A 180 17.76 11.01 11.21
CA TRP A 180 17.42 11.33 9.82
C TRP A 180 16.86 12.74 9.56
N PRO A 181 15.89 13.22 10.37
CA PRO A 181 15.28 14.49 10.02
C PRO A 181 16.30 15.62 9.74
N TRP A 182 17.33 15.74 10.57
CA TRP A 182 18.35 16.77 10.37
C TRP A 182 19.23 16.47 9.17
N VAL A 183 19.56 15.19 8.96
CA VAL A 183 20.35 14.80 7.80
C VAL A 183 19.63 15.13 6.47
N GLU A 184 18.34 14.84 6.40
CA GLU A 184 17.56 15.14 5.20
C GLU A 184 17.54 16.65 4.89
N ARG A 185 17.45 17.45 5.96
CA ARG A 185 17.48 18.91 5.86
C ARG A 185 18.82 19.44 5.34
N LEU A 186 19.92 18.78 5.71
CA LEU A 186 21.26 19.21 5.29
C LEU A 186 21.43 19.30 3.77
N TYR A 187 20.76 18.42 3.04
CA TYR A 187 20.81 18.43 1.57
C TYR A 187 20.41 19.79 0.96
N LEU A 188 19.65 20.59 1.70
CA LEU A 188 19.27 21.93 1.22
C LEU A 188 20.53 22.78 0.93
N LEU A 189 21.62 22.46 1.63
CA LEU A 189 22.86 23.22 1.53
C LEU A 189 23.48 23.12 0.13
N ARG A 190 23.06 22.11 -0.64
CA ARG A 190 23.51 21.95 -2.01
C ARG A 190 22.88 23.01 -2.90
N CYS A 191 21.73 23.53 -2.49
CA CYS A 191 21.10 24.67 -3.15
C CYS A 191 21.85 25.97 -2.85
N VAL A 192 22.43 26.07 -1.65
CA VAL A 192 23.18 27.26 -1.22
C VAL A 192 24.55 27.31 -1.90
N ASN A 193 25.35 26.27 -1.67
CA ASN A 193 26.69 26.17 -2.26
C ASN A 193 26.97 24.76 -2.74
N ASP A 194 26.57 24.48 -3.98
CA ASP A 194 26.67 23.17 -4.59
C ASP A 194 28.05 22.55 -4.44
N ARG A 195 29.08 23.30 -4.80
CA ARG A 195 30.44 22.80 -4.85
C ARG A 195 30.99 22.55 -3.45
N LYS A 196 30.73 23.49 -2.54
CA LYS A 196 31.17 23.37 -1.15
C LYS A 196 30.46 22.22 -0.44
N PHE A 197 29.25 21.89 -0.89
CA PHE A 197 28.48 20.78 -0.31
C PHE A 197 29.06 19.42 -0.73
N VAL A 198 29.27 19.24 -2.02
CA VAL A 198 29.79 17.97 -2.56
C VAL A 198 31.17 17.61 -1.99
N GLU A 199 32.02 18.63 -1.80
CA GLU A 199 33.34 18.44 -1.20
C GLU A 199 33.20 17.94 0.25
N LYS A 200 32.42 18.66 1.04
CA LYS A 200 32.09 18.29 2.43
C LYS A 200 31.51 16.88 2.53
N LYS A 201 30.65 16.52 1.57
CA LYS A 201 29.99 15.20 1.53
C LYS A 201 31.02 14.08 1.36
N SER A 202 32.00 14.33 0.49
CA SER A 202 33.05 13.37 0.14
C SER A 202 33.94 13.00 1.33
N LEU A 203 33.91 13.82 2.37
CA LEU A 203 34.66 13.56 3.61
C LEU A 203 34.08 12.39 4.40
N PHE A 204 32.81 12.09 4.17
CA PHE A 204 32.10 11.04 4.90
C PHE A 204 31.44 10.06 3.94
N PRO A 205 32.26 9.15 3.36
CA PRO A 205 31.80 8.27 2.27
C PRO A 205 30.76 7.24 2.69
N ASN A 206 30.95 6.63 3.86
CA ASN A 206 29.97 5.67 4.39
C ASN A 206 28.66 6.35 4.83
N PHE A 207 28.78 7.51 5.47
CA PHE A 207 27.60 8.29 5.88
C PHE A 207 26.81 8.74 4.65
N ALA A 208 27.53 9.24 3.64
CA ALA A 208 26.91 9.67 2.39
C ALA A 208 26.16 8.51 1.74
N ASP A 209 26.81 7.34 1.69
CA ASP A 209 26.20 6.11 1.19
C ASP A 209 24.91 5.78 1.96
N TRP A 210 24.97 5.83 3.28
CA TRP A 210 23.84 5.59 4.16
C TRP A 210 22.69 6.58 3.87
N GLY A 211 23.03 7.86 3.75
CA GLY A 211 22.09 8.89 3.30
C GLY A 211 21.32 8.51 2.04
N ASP A 212 22.03 7.98 1.04
CA ASP A 212 21.41 7.55 -0.21
C ASP A 212 20.44 6.40 0.03
N GLN A 213 20.86 5.43 0.82
CA GLN A 213 20.03 4.28 1.16
C GLN A 213 18.80 4.69 1.98
N MET A 214 18.98 5.59 2.94
CA MET A 214 17.86 6.10 3.73
C MET A 214 16.83 6.78 2.85
N GLN A 215 17.29 7.51 1.83
CA GLN A 215 16.37 8.19 0.91
C GLN A 215 15.41 7.24 0.16
N LEU A 216 15.83 5.99 0.00
CA LEU A 216 15.02 4.98 -0.69
C LEU A 216 14.04 4.24 0.23
N ASP A 217 14.20 4.42 1.54
CA ASP A 217 13.36 3.77 2.54
C ASP A 217 11.91 4.28 2.45
N ASP A 218 10.96 3.35 2.39
CA ASP A 218 9.54 3.66 2.22
C ASP A 218 8.98 4.59 3.30
N ILE A 219 9.45 4.38 4.53
CA ILE A 219 9.07 5.22 5.66
C ILE A 219 9.63 6.64 5.51
N VAL A 220 10.91 6.75 5.16
CA VAL A 220 11.54 8.05 4.90
C VAL A 220 10.78 8.82 3.83
N LYS A 221 10.52 8.14 2.71
CA LYS A 221 9.85 8.70 1.55
C LYS A 221 8.46 9.26 1.87
N LYS A 222 7.74 8.62 2.80
CA LYS A 222 6.43 9.08 3.25
C LYS A 222 6.43 10.52 3.81
N HIS A 223 7.50 10.91 4.51
CA HIS A 223 7.55 12.20 5.20
C HIS A 223 8.66 13.15 4.75
N ALA A 224 9.18 12.89 3.56
CA ALA A 224 10.33 13.60 3.00
C ALA A 224 9.94 14.91 2.33
N HIS A 225 10.90 15.84 2.30
CA HIS A 225 10.85 16.98 1.39
C HIS A 225 12.19 17.06 0.66
N SER A 226 12.19 17.69 -0.51
CA SER A 226 13.40 17.85 -1.31
C SER A 226 14.34 18.93 -0.76
N PRO A 227 15.62 18.92 -1.19
CA PRO A 227 16.54 20.02 -0.92
C PRO A 227 15.92 21.39 -1.21
N GLN A 228 15.30 21.54 -2.38
CA GLN A 228 14.72 22.83 -2.80
C GLN A 228 13.57 23.24 -1.86
N GLU A 229 12.72 22.29 -1.53
CA GLU A 229 11.57 22.54 -0.66
C GLU A 229 12.02 22.99 0.73
N TYR A 230 13.02 22.30 1.29
CA TYR A 230 13.59 22.73 2.57
C TYR A 230 14.21 24.13 2.46
N PHE A 231 14.89 24.38 1.33
CA PHE A 231 15.59 25.64 1.10
C PHE A 231 14.63 26.82 1.03
N ASP A 232 13.56 26.68 0.24
CA ASP A 232 12.53 27.70 0.15
C ASP A 232 11.82 27.90 1.49
N TYR A 233 11.60 26.81 2.23
CA TYR A 233 11.02 26.92 3.57
C TYR A 233 11.91 27.65 4.56
N TYR A 234 13.15 27.21 4.69
CA TYR A 234 14.04 27.78 5.70
C TYR A 234 14.47 29.22 5.42
N LYS A 235 14.62 29.60 4.15
CA LYS A 235 14.98 30.98 3.83
C LYS A 235 13.91 31.96 4.34
N ASN A 236 12.64 31.61 4.18
CA ASN A 236 11.53 32.44 4.62
C ASN A 236 11.19 32.34 6.12
N ALA A 237 11.18 31.13 6.65
CA ALA A 237 10.76 30.91 8.04
C ALA A 237 11.93 30.94 9.01
N ARG A 238 13.14 30.71 8.49
CA ARG A 238 14.34 30.55 9.31
C ARG A 238 14.14 29.40 10.31
N ALA A 239 14.58 29.57 11.56
CA ALA A 239 14.48 28.49 12.55
C ALA A 239 13.40 28.71 13.63
N HIS A 240 12.49 29.65 13.38
CA HIS A 240 11.51 30.08 14.38
C HIS A 240 10.66 28.94 14.95
N SER A 241 10.41 27.95 14.12
CA SER A 241 9.56 26.82 14.47
C SER A 241 10.30 25.46 14.36
N MET A 242 11.64 25.52 14.42
CA MET A 242 12.52 24.37 14.26
C MET A 242 12.94 23.66 15.58
N GLY A 243 12.82 24.37 16.72
CA GLY A 243 13.26 23.83 18.01
C GLY A 243 12.33 22.81 18.66
N TYR A 244 12.66 22.40 19.88
CA TYR A 244 11.82 21.46 20.63
C TYR A 244 10.75 22.20 21.47
N TYR A 245 10.71 23.52 21.34
CA TYR A 245 9.67 24.35 21.92
C TYR A 245 9.34 25.50 20.96
N LEU A 246 8.14 26.02 21.09
CA LEU A 246 7.73 27.19 20.31
C LEU A 246 7.87 28.45 21.15
N SER B 12 13.23 8.43 -9.12
CA SER B 12 13.17 9.85 -9.56
C SER B 12 14.53 10.52 -9.40
N VAL B 13 15.14 10.89 -10.53
CA VAL B 13 16.49 11.47 -10.54
C VAL B 13 16.57 12.65 -11.53
N ASN B 14 17.70 13.34 -11.54
CA ASN B 14 17.90 14.50 -12.40
C ASN B 14 18.29 14.11 -13.82
N ALA B 15 17.72 14.81 -14.81
CA ALA B 15 18.14 14.67 -16.20
C ALA B 15 19.45 15.41 -16.44
N GLY B 16 20.46 14.70 -16.92
CA GLY B 16 21.80 15.25 -17.07
C GLY B 16 22.37 15.20 -18.48
N VAL B 17 23.67 15.49 -18.58
CA VAL B 17 24.38 15.54 -19.85
C VAL B 17 24.32 14.18 -20.59
N ILE B 18 24.41 13.11 -19.82
CA ILE B 18 24.23 11.77 -20.36
C ILE B 18 22.76 11.38 -20.26
N PRO B 19 22.12 11.06 -21.42
CA PRO B 19 20.72 10.67 -21.44
C PRO B 19 20.47 9.33 -20.73
N PRO B 20 19.28 9.17 -20.12
CA PRO B 20 18.87 7.93 -19.45
C PRO B 20 18.90 6.74 -20.40
N PRO B 21 18.92 5.50 -19.86
CA PRO B 21 18.89 4.32 -20.72
C PRO B 21 17.51 4.13 -21.34
N ALA B 22 17.41 3.21 -22.30
CA ALA B 22 16.16 2.90 -22.97
C ALA B 22 15.09 2.38 -22.00
N LEU B 23 13.83 2.50 -22.40
CA LEU B 23 12.69 2.09 -21.55
C LEU B 23 12.55 0.57 -21.46
N THR B 24 12.08 0.09 -20.30
CA THR B 24 11.82 -1.34 -20.11
C THR B 24 10.39 -1.58 -19.64
N ASP B 25 10.16 -1.36 -18.35
CA ASP B 25 8.89 -1.63 -17.67
C ASP B 25 8.06 -0.40 -17.40
N LYS B 26 8.73 0.74 -17.27
CA LYS B 26 8.09 1.96 -16.84
C LYS B 26 8.02 2.94 -18.01
N LEU B 27 7.05 3.84 -17.94
CA LEU B 27 7.06 5.03 -18.77
C LEU B 27 7.92 6.07 -18.07
N ARG B 28 8.37 7.07 -18.81
CA ARG B 28 9.25 8.07 -18.26
C ARG B 28 8.65 9.45 -18.42
N LEU B 29 8.51 10.18 -17.32
CA LEU B 29 8.01 11.55 -17.35
C LEU B 29 9.14 12.53 -17.14
N TYR B 30 9.32 13.44 -18.10
CA TYR B 30 10.27 14.52 -17.96
C TYR B 30 9.51 15.70 -17.39
N HIS B 31 9.92 16.14 -16.20
CA HIS B 31 9.11 17.01 -15.36
C HIS B 31 9.94 18.09 -14.70
N VAL B 32 9.42 19.32 -14.70
CA VAL B 32 10.02 20.38 -13.89
C VAL B 32 9.30 20.35 -12.54
N ASP B 33 10.06 20.25 -11.47
CA ASP B 33 9.45 20.13 -10.13
C ASP B 33 8.51 21.31 -9.86
N MET B 34 7.34 21.03 -9.28
CA MET B 34 6.30 22.04 -9.03
C MET B 34 5.54 22.58 -10.26
N ASN B 35 5.81 22.04 -11.45
CA ASN B 35 5.08 22.41 -12.67
C ASN B 35 3.69 21.73 -12.67
N PRO B 36 2.61 22.53 -12.79
CA PRO B 36 1.28 21.94 -12.65
C PRO B 36 0.84 21.05 -13.81
N TYR B 37 1.36 21.30 -15.01
CA TYR B 37 1.05 20.46 -16.16
C TYR B 37 1.67 19.06 -16.01
N GLY B 38 2.86 18.98 -15.43
CA GLY B 38 3.42 17.68 -15.06
C GLY B 38 2.66 17.04 -13.92
N HIS B 39 2.22 17.87 -12.96
CA HIS B 39 1.40 17.39 -11.85
C HIS B 39 0.16 16.66 -12.39
N ARG B 40 -0.45 17.21 -13.44
CA ARG B 40 -1.52 16.54 -14.19
C ARG B 40 -1.20 15.12 -14.60
N VAL B 41 -0.06 14.95 -15.25
CA VAL B 41 0.31 13.64 -15.78
C VAL B 41 0.58 12.67 -14.64
N LEU B 42 1.28 13.14 -13.61
CA LEU B 42 1.55 12.34 -12.42
C LEU B 42 0.27 11.81 -11.76
N LEU B 43 -0.76 12.65 -11.69
CA LEU B 43 -2.05 12.23 -11.14
C LEU B 43 -2.64 11.13 -12.01
N VAL B 44 -2.57 11.31 -13.34
CA VAL B 44 -3.13 10.33 -14.25
C VAL B 44 -2.39 8.99 -14.18
N LEU B 45 -1.06 9.01 -14.32
CA LEU B 45 -0.25 7.80 -14.24
C LEU B 45 -0.55 7.05 -12.93
N GLU B 46 -0.56 7.79 -11.82
CA GLU B 46 -0.81 7.21 -10.51
C GLU B 46 -2.22 6.61 -10.44
N ALA B 47 -3.20 7.36 -10.92
CA ALA B 47 -4.59 6.89 -10.91
C ALA B 47 -4.78 5.63 -11.76
N LYS B 48 -4.05 5.56 -12.87
CA LYS B 48 -4.19 4.43 -13.81
C LYS B 48 -3.38 3.21 -13.40
N ARG B 49 -2.58 3.34 -12.33
CA ARG B 49 -1.71 2.27 -11.83
C ARG B 49 -0.66 1.83 -12.88
N ILE B 50 -0.16 2.80 -13.64
CA ILE B 50 0.87 2.59 -14.65
C ILE B 50 2.25 2.82 -14.01
N LYS B 51 3.15 1.88 -14.23
CA LYS B 51 4.53 2.03 -13.75
C LYS B 51 5.21 3.17 -14.50
N TYR B 52 5.86 4.05 -13.74
CA TYR B 52 6.55 5.20 -14.31
C TYR B 52 7.74 5.62 -13.46
N GLU B 53 8.64 6.36 -14.08
CA GLU B 53 9.74 7.06 -13.41
C GLU B 53 9.76 8.54 -13.84
N VAL B 54 10.28 9.38 -12.96
CA VAL B 54 10.31 10.81 -13.18
C VAL B 54 11.76 11.27 -13.39
N TYR B 55 12.02 11.92 -14.52
CA TYR B 55 13.28 12.60 -14.69
C TYR B 55 13.09 14.09 -14.48
N ARG B 56 13.67 14.60 -13.40
CA ARG B 56 13.58 16.01 -13.05
C ARG B 56 14.38 16.86 -14.02
N LEU B 57 13.73 17.89 -14.56
CA LEU B 57 14.36 18.81 -15.47
C LEU B 57 14.71 20.11 -14.77
N ASP B 58 15.96 20.53 -14.93
CA ASP B 58 16.42 21.83 -14.48
C ASP B 58 16.25 22.79 -15.65
N PRO B 59 15.35 23.78 -15.52
CA PRO B 59 15.08 24.70 -16.64
C PRO B 59 16.29 25.59 -16.99
N LEU B 60 17.13 25.83 -15.99
CA LEU B 60 18.34 26.64 -16.17
C LEU B 60 19.41 25.87 -16.94
N ARG B 61 19.47 24.55 -16.72
CA ARG B 61 20.44 23.69 -17.37
C ARG B 61 19.74 22.49 -18.01
N LEU B 62 19.14 22.74 -19.17
CA LEU B 62 18.46 21.71 -19.94
C LEU B 62 19.47 21.00 -20.84
N PRO B 63 19.47 19.64 -20.82
CA PRO B 63 20.44 18.84 -21.59
C PRO B 63 20.30 19.02 -23.11
N GLU B 64 21.42 18.90 -23.82
CA GLU B 64 21.47 19.06 -25.27
C GLU B 64 20.53 18.12 -26.03
N TRP B 65 20.59 16.84 -25.69
CA TRP B 65 19.80 15.79 -26.34
C TRP B 65 18.30 15.99 -26.14
N PHE B 66 17.92 16.54 -24.99
CA PHE B 66 16.51 16.80 -24.67
C PHE B 66 16.01 17.94 -25.54
N ARG B 67 16.83 18.98 -25.65
CA ARG B 67 16.51 20.14 -26.49
C ARG B 67 16.35 19.72 -27.94
N ALA B 68 17.21 18.83 -28.41
CA ALA B 68 17.16 18.35 -29.79
C ALA B 68 15.89 17.53 -30.08
N LYS B 69 15.42 16.79 -29.06
CA LYS B 69 14.22 15.97 -29.18
C LYS B 69 12.96 16.77 -28.87
N ASN B 70 13.15 18.00 -28.39
CA ASN B 70 12.05 18.84 -27.94
C ASN B 70 12.46 20.31 -28.15
N PRO B 71 12.59 20.74 -29.43
CA PRO B 71 13.19 22.04 -29.73
C PRO B 71 12.34 23.24 -29.32
N ARG B 72 11.03 23.02 -29.23
CA ARG B 72 10.13 24.05 -28.70
C ARG B 72 10.03 24.00 -27.18
N LEU B 73 10.76 23.04 -26.59
CA LEU B 73 10.90 22.88 -25.13
C LEU B 73 9.56 22.73 -24.42
N LYS B 74 8.67 21.91 -25.00
CA LYS B 74 7.38 21.62 -24.39
C LYS B 74 7.57 20.80 -23.13
N ILE B 75 6.77 21.11 -22.11
CA ILE B 75 6.86 20.49 -20.79
C ILE B 75 5.45 20.29 -20.25
N PRO B 76 5.16 19.10 -19.67
CA PRO B 76 6.05 17.96 -19.51
C PRO B 76 6.18 17.12 -20.77
N VAL B 77 7.05 16.12 -20.73
CA VAL B 77 7.19 15.15 -21.80
C VAL B 77 6.99 13.77 -21.20
N LEU B 78 6.16 12.96 -21.83
CA LEU B 78 6.08 11.53 -21.49
C LEU B 78 6.76 10.71 -22.59
N GLU B 79 7.78 9.96 -22.20
CA GLU B 79 8.47 9.08 -23.13
C GLU B 79 7.89 7.68 -22.98
N ILE B 80 7.53 7.09 -24.11
CA ILE B 80 6.84 5.79 -24.13
C ILE B 80 7.55 4.82 -25.07
N PRO B 81 7.45 3.51 -24.79
CA PRO B 81 7.94 2.56 -25.78
C PRO B 81 6.97 2.48 -26.95
N THR B 82 7.48 2.32 -28.16
CA THR B 82 6.62 2.13 -29.32
C THR B 82 7.17 1.00 -30.15
N ASP B 83 6.33 0.49 -31.05
CA ASP B 83 6.75 -0.49 -32.05
C ASP B 83 8.05 -0.07 -32.74
N GLN B 84 8.27 1.25 -32.84
CA GLN B 84 9.43 1.80 -33.54
C GLN B 84 10.58 2.25 -32.64
N GLY B 85 10.39 2.17 -31.32
CA GLY B 85 11.42 2.60 -30.38
C GLY B 85 10.87 3.70 -29.48
N ASP B 86 11.70 4.20 -28.56
CA ASP B 86 11.24 5.15 -27.56
C ASP B 86 10.86 6.50 -28.17
N ARG B 87 9.65 6.94 -27.89
CA ARG B 87 9.12 8.18 -28.44
C ARG B 87 8.63 9.17 -27.40
N PHE B 88 8.79 10.46 -27.71
CA PHE B 88 8.29 11.53 -26.87
C PHE B 88 6.83 11.84 -27.24
N LEU B 89 5.97 11.96 -26.23
CA LEU B 89 4.66 12.55 -26.39
C LEU B 89 4.61 13.88 -25.67
N PHE B 90 3.95 14.86 -26.28
CA PHE B 90 3.83 16.21 -25.73
C PHE B 90 2.37 16.59 -25.46
N GLU B 91 2.21 17.66 -24.68
CA GLU B 91 0.92 18.30 -24.30
C GLU B 91 0.17 17.46 -23.29
N SER B 92 0.01 18.00 -22.09
CA SER B 92 -0.56 17.25 -20.96
C SER B 92 -1.89 16.60 -21.31
N VAL B 93 -2.72 17.32 -22.07
CA VAL B 93 -4.06 16.83 -22.42
C VAL B 93 -3.96 15.61 -23.35
N VAL B 94 -3.13 15.73 -24.39
CA VAL B 94 -2.92 14.63 -25.33
C VAL B 94 -2.25 13.44 -24.63
N ILE B 95 -1.30 13.74 -23.75
CA ILE B 95 -0.58 12.73 -22.99
C ILE B 95 -1.57 11.93 -22.15
N CYS B 96 -2.45 12.64 -21.43
CA CYS B 96 -3.35 11.97 -20.48
C CYS B 96 -4.43 11.18 -21.18
N ASP B 97 -4.88 11.67 -22.32
CA ASP B 97 -5.85 10.96 -23.14
C ASP B 97 -5.22 9.73 -23.81
N TYR B 98 -3.94 9.84 -24.17
CA TYR B 98 -3.22 8.68 -24.71
C TYR B 98 -3.23 7.55 -23.68
N LEU B 99 -2.87 7.90 -22.45
CA LEU B 99 -2.79 6.94 -21.35
C LEU B 99 -4.13 6.27 -21.07
N ASP B 100 -5.21 7.05 -21.14
CA ASP B 100 -6.56 6.54 -20.84
C ASP B 100 -7.08 5.62 -21.95
N GLU B 101 -6.60 5.83 -23.18
CA GLU B 101 -6.93 4.98 -24.31
C GLU B 101 -6.01 3.76 -24.42
N LYS B 102 -4.72 3.96 -24.18
CA LYS B 102 -3.72 2.90 -24.24
C LYS B 102 -3.96 1.83 -23.18
N TYR B 103 -4.17 2.27 -21.94
CA TYR B 103 -4.34 1.38 -20.79
C TYR B 103 -5.82 1.31 -20.39
N THR B 104 -6.48 0.19 -20.72
CA THR B 104 -7.95 0.07 -20.61
C THR B 104 -8.47 -0.16 -19.20
N ARG B 105 -7.61 -0.66 -18.32
CA ARG B 105 -7.95 -0.76 -16.90
C ARG B 105 -7.91 0.64 -16.29
N HIS B 106 -8.72 0.85 -15.25
CA HIS B 106 -8.78 2.10 -14.50
C HIS B 106 -9.06 3.33 -15.37
N THR B 107 -10.04 3.20 -16.24
CA THR B 107 -10.50 4.26 -17.13
C THR B 107 -10.93 5.50 -16.34
N LEU B 108 -10.54 6.68 -16.84
CA LEU B 108 -10.79 7.95 -16.16
C LEU B 108 -11.87 8.80 -16.84
N HIS B 109 -11.83 8.84 -18.17
CA HIS B 109 -12.87 9.54 -18.93
C HIS B 109 -14.24 8.86 -18.83
N SER B 110 -15.30 9.64 -18.91
CA SER B 110 -16.65 9.08 -18.94
C SER B 110 -16.82 8.20 -20.19
N HIS B 111 -17.60 7.14 -20.04
CA HIS B 111 -17.98 6.23 -21.14
C HIS B 111 -19.10 6.82 -22.00
N ASP B 112 -19.77 7.83 -21.47
CA ASP B 112 -20.81 8.57 -22.17
C ASP B 112 -20.14 9.67 -22.99
N PRO B 113 -20.24 9.57 -24.33
CA PRO B 113 -19.49 10.51 -25.20
C PRO B 113 -19.91 11.98 -25.01
N TYR B 114 -21.19 12.21 -24.67
CA TYR B 114 -21.65 13.56 -24.42
C TYR B 114 -21.09 14.14 -23.12
N VAL B 115 -20.99 13.30 -22.09
CA VAL B 115 -20.38 13.71 -20.82
C VAL B 115 -18.87 13.99 -21.00
N LYS B 116 -18.17 13.11 -21.72
CA LYS B 116 -16.77 13.33 -22.07
C LYS B 116 -16.55 14.65 -22.84
N ALA B 117 -17.37 14.88 -23.87
CA ALA B 117 -17.40 16.15 -24.60
C ALA B 117 -17.53 17.36 -23.66
N GLN B 118 -18.53 17.31 -22.76
CA GLN B 118 -18.73 18.34 -21.71
C GLN B 118 -17.47 18.50 -20.89
N ASP B 119 -16.90 17.37 -20.49
CA ASP B 119 -15.70 17.35 -19.68
C ASP B 119 -14.53 18.01 -20.39
N ARG B 120 -14.41 17.77 -21.69
CA ARG B 120 -13.35 18.40 -22.48
C ARG B 120 -13.56 19.91 -22.67
N LEU B 121 -14.81 20.31 -22.87
CA LEU B 121 -15.13 21.74 -22.93
C LEU B 121 -14.73 22.45 -21.63
N LEU B 122 -15.01 21.80 -20.50
CA LEU B 122 -14.69 22.36 -19.20
C LEU B 122 -13.19 22.46 -18.97
N ILE B 123 -12.43 21.48 -19.45
CA ILE B 123 -10.97 21.54 -19.39
C ILE B 123 -10.49 22.77 -20.17
N GLU B 124 -11.06 22.97 -21.37
CA GLU B 124 -10.74 24.14 -22.17
C GLU B 124 -11.09 25.45 -21.43
N ARG B 125 -12.31 25.52 -20.89
CA ARG B 125 -12.73 26.68 -20.11
C ARG B 125 -11.80 26.93 -18.89
N PHE B 126 -11.30 25.86 -18.29
CA PHE B 126 -10.40 25.96 -17.13
C PHE B 126 -9.09 26.71 -17.42
N ASN B 127 -8.64 26.69 -18.68
CA ASN B 127 -7.47 27.51 -19.09
C ASN B 127 -7.53 28.98 -18.66
N GLU B 128 -8.73 29.49 -18.54
CA GLU B 128 -8.94 30.82 -18.08
C GLU B 128 -8.45 31.02 -16.69
N LEU B 129 -8.78 30.08 -15.82
CA LEU B 129 -8.34 30.03 -14.45
C LEU B 129 -6.86 29.85 -14.38
N ILE B 130 -6.33 29.04 -15.24
CA ILE B 130 -4.93 28.82 -15.29
C ILE B 130 -4.14 30.07 -15.62
N LYS B 131 -4.60 30.79 -16.61
CA LYS B 131 -3.98 32.03 -17.05
C LYS B 131 -4.12 33.13 -15.98
N GLY B 132 -5.28 33.17 -15.33
CA GLY B 132 -5.50 34.05 -14.18
C GLY B 132 -4.55 33.75 -13.04
N SER B 133 -4.36 32.46 -12.73
CA SER B 133 -3.45 32.05 -11.66
C SER B 133 -1.97 32.18 -12.05
N LEU B 134 -1.69 32.21 -13.35
CA LEU B 134 -0.33 32.42 -13.84
C LEU B 134 0.14 33.84 -13.51
N GLU B 135 -0.72 34.82 -13.82
CA GLU B 135 -0.45 36.23 -13.53
C GLU B 135 -0.40 36.49 -12.03
N CYS B 136 -1.26 35.81 -11.28
CA CYS B 136 -1.32 35.92 -9.84
C CYS B 136 0.01 35.55 -9.17
N PHE B 137 0.57 34.39 -9.53
CA PHE B 137 1.84 33.94 -8.93
C PHE B 137 3.03 34.66 -9.55
N ASP B 138 2.75 35.48 -10.55
CA ASP B 138 3.76 36.23 -11.29
C ASP B 138 3.84 37.68 -10.83
N THR B 139 2.69 38.24 -10.42
CA THR B 139 2.59 39.66 -10.05
C THR B 139 2.13 39.85 -8.61
N ASN B 140 2.75 39.12 -7.68
CA ASN B 140 2.37 39.11 -6.25
C ASN B 140 1.03 38.44 -5.99
N GLY B 144 -4.76 38.70 -10.66
CA GLY B 144 -5.73 38.29 -11.68
C GLY B 144 -6.85 37.41 -11.12
N SER B 145 -7.39 37.83 -9.98
CA SER B 145 -8.46 37.10 -9.30
C SER B 145 -9.76 36.96 -10.10
N GLU B 146 -10.11 37.98 -10.88
CA GLU B 146 -11.38 37.97 -11.62
C GLU B 146 -11.52 36.80 -12.58
N GLN B 147 -10.45 36.47 -13.30
CA GLN B 147 -10.44 35.33 -14.20
C GLN B 147 -10.65 34.03 -13.42
N ILE B 148 -10.06 33.97 -12.23
CA ILE B 148 -10.12 32.80 -11.36
C ILE B 148 -11.55 32.61 -10.84
N ILE B 149 -12.11 33.66 -10.24
CA ILE B 149 -13.46 33.65 -9.67
C ILE B 149 -14.53 33.31 -10.70
N GLN B 150 -14.47 33.94 -11.87
CA GLN B 150 -15.50 33.74 -12.89
C GLN B 150 -15.57 32.29 -13.40
N THR B 151 -14.40 31.66 -13.52
CA THR B 151 -14.36 30.25 -13.92
C THR B 151 -14.75 29.33 -12.75
N LEU B 152 -14.48 29.73 -11.51
CA LEU B 152 -14.95 29.00 -10.35
C LEU B 152 -16.47 28.99 -10.29
N GLU B 153 -17.09 30.13 -10.63
CA GLU B 153 -18.55 30.21 -10.77
C GLU B 153 -19.08 29.15 -11.73
N ILE B 154 -18.44 29.02 -12.89
CA ILE B 154 -18.79 28.01 -13.90
C ILE B 154 -18.69 26.60 -13.31
N PHE B 155 -17.54 26.30 -12.69
CA PHE B 155 -17.32 25.00 -12.10
C PHE B 155 -18.24 24.68 -10.89
N GLU B 156 -18.60 25.71 -10.11
CA GLU B 156 -19.56 25.54 -9.01
C GLU B 156 -20.94 25.18 -9.52
N LYS B 157 -21.41 25.91 -10.52
CA LYS B 157 -22.70 25.63 -11.17
C LYS B 157 -22.72 24.23 -11.79
N GLU B 158 -21.67 23.92 -12.55
CA GLU B 158 -21.53 22.62 -13.19
C GLU B 158 -21.64 21.46 -12.19
N LEU B 159 -20.89 21.55 -11.09
CA LEU B 159 -20.87 20.51 -10.07
C LEU B 159 -22.24 20.34 -9.40
N THR B 160 -22.87 21.48 -9.09
CA THR B 160 -24.23 21.51 -8.51
C THR B 160 -25.23 20.82 -9.42
N ASN B 161 -25.11 21.04 -10.74
CA ASN B 161 -25.97 20.41 -11.72
C ASN B 161 -25.76 18.90 -11.77
N ARG B 162 -24.51 18.47 -11.69
CA ARG B 162 -24.19 17.04 -11.73
C ARG B 162 -24.67 16.28 -10.49
N GLY B 163 -24.62 16.95 -9.34
CA GLY B 163 -25.13 16.40 -8.09
C GLY B 163 -24.26 15.32 -7.47
N THR B 164 -23.08 15.10 -8.02
CA THR B 164 -22.18 14.03 -7.56
C THR B 164 -21.03 14.57 -6.71
N ASN B 165 -20.34 13.69 -5.99
CA ASN B 165 -19.20 14.07 -5.16
C ASN B 165 -18.02 14.61 -5.97
N TYR B 166 -17.88 14.12 -7.19
CA TYR B 166 -16.80 14.50 -8.09
C TYR B 166 -17.39 14.86 -9.43
N PHE B 167 -16.59 15.55 -10.24
CA PHE B 167 -16.98 15.83 -11.63
C PHE B 167 -17.13 14.51 -12.38
N GLY B 168 -16.27 13.55 -12.04
CA GLY B 168 -16.34 12.22 -12.67
C GLY B 168 -17.46 11.35 -12.13
N GLY B 169 -18.22 11.86 -11.16
CA GLY B 169 -19.34 11.10 -10.60
C GLY B 169 -19.06 10.70 -9.17
N ASN B 170 -19.22 9.41 -8.88
CA ASN B 170 -19.03 8.85 -7.54
C ASN B 170 -17.57 8.74 -7.16
N ARG B 171 -16.72 8.70 -8.17
CA ARG B 171 -15.27 8.61 -8.00
C ARG B 171 -14.60 9.71 -8.82
N PRO B 172 -13.41 10.18 -8.39
CA PRO B 172 -12.69 11.14 -9.23
C PRO B 172 -12.47 10.60 -10.64
N GLY B 173 -12.72 11.44 -11.63
CA GLY B 173 -12.47 11.07 -13.03
C GLY B 173 -11.44 11.97 -13.66
N MET B 174 -11.33 11.88 -14.98
CA MET B 174 -10.36 12.65 -15.74
C MET B 174 -10.46 14.15 -15.50
N LEU B 175 -11.68 14.70 -15.55
CA LEU B 175 -11.87 16.14 -15.32
C LEU B 175 -11.34 16.57 -13.94
N ASP B 176 -11.67 15.82 -12.90
CA ASP B 176 -11.16 16.12 -11.54
C ASP B 176 -9.64 16.21 -11.47
N TYR B 177 -8.93 15.22 -12.04
CA TYR B 177 -7.47 15.21 -12.01
C TYR B 177 -6.82 16.27 -12.90
N MET B 178 -7.42 16.53 -14.06
CA MET B 178 -6.90 17.52 -15.00
C MET B 178 -6.93 18.93 -14.43
N VAL B 179 -7.89 19.18 -13.56
CA VAL B 179 -8.13 20.50 -13.04
C VAL B 179 -7.43 20.69 -11.68
N TRP B 180 -7.21 19.57 -10.98
CA TRP B 180 -6.74 19.60 -9.59
C TRP B 180 -5.43 20.36 -9.29
N PRO B 181 -4.37 20.20 -10.11
CA PRO B 181 -3.10 20.88 -9.75
C PRO B 181 -3.26 22.37 -9.48
N TRP B 182 -4.00 23.08 -10.32
CA TRP B 182 -4.21 24.51 -10.15
C TRP B 182 -5.10 24.82 -8.94
N VAL B 183 -6.05 23.95 -8.63
CA VAL B 183 -6.92 24.19 -7.47
C VAL B 183 -6.14 23.96 -6.18
N GLU B 184 -5.31 22.92 -6.17
CA GLU B 184 -4.45 22.64 -5.02
C GLU B 184 -3.50 23.82 -4.75
N ARG B 185 -3.07 24.49 -5.80
CA ARG B 185 -2.20 25.67 -5.65
C ARG B 185 -2.97 26.91 -5.20
N LEU B 186 -4.21 27.05 -5.63
CA LEU B 186 -5.05 28.17 -5.19
C LEU B 186 -5.10 28.34 -3.66
N TYR B 187 -5.04 27.23 -2.92
CA TYR B 187 -5.04 27.28 -1.46
C TYR B 187 -3.92 28.14 -0.87
N LEU B 188 -2.84 28.33 -1.63
CA LEU B 188 -1.71 29.17 -1.17
C LEU B 188 -2.14 30.61 -0.87
N LEU B 189 -3.24 31.02 -1.48
CA LEU B 189 -3.75 32.38 -1.32
C LEU B 189 -4.22 32.66 0.09
N ARG B 190 -4.52 31.60 0.83
CA ARG B 190 -4.87 31.71 2.24
C ARG B 190 -3.72 32.30 3.05
N CYS B 191 -2.49 31.96 2.67
CA CYS B 191 -1.29 32.53 3.30
C CYS B 191 -1.06 33.99 2.91
N VAL B 192 -1.64 34.39 1.78
CA VAL B 192 -1.54 35.76 1.29
C VAL B 192 -2.54 36.64 2.02
N ASN B 193 -3.82 36.26 1.96
CA ASN B 193 -4.88 37.00 2.62
C ASN B 193 -5.95 36.05 3.12
N ASP B 194 -5.75 35.58 4.35
CA ASP B 194 -6.62 34.58 4.99
C ASP B 194 -8.08 34.97 4.97
N ARG B 195 -8.38 36.19 5.42
CA ARG B 195 -9.76 36.66 5.50
C ARG B 195 -10.43 36.68 4.13
N LYS B 196 -9.75 37.27 3.15
CA LYS B 196 -10.25 37.38 1.78
C LYS B 196 -10.44 36.01 1.12
N PHE B 197 -9.56 35.07 1.45
CA PHE B 197 -9.62 33.73 0.86
C PHE B 197 -10.85 32.94 1.34
N VAL B 198 -11.10 32.97 2.65
CA VAL B 198 -12.24 32.25 3.24
C VAL B 198 -13.57 32.77 2.69
N GLU B 199 -13.68 34.09 2.56
CA GLU B 199 -14.88 34.74 2.04
C GLU B 199 -15.14 34.37 0.58
N LYS B 200 -14.07 34.26 -0.20
CA LYS B 200 -14.16 33.81 -1.59
C LYS B 200 -14.57 32.33 -1.68
N LYS B 201 -13.82 31.48 -0.96
CA LYS B 201 -14.11 30.04 -0.85
C LYS B 201 -15.58 29.78 -0.49
N SER B 202 -16.12 30.63 0.40
CA SER B 202 -17.51 30.55 0.86
C SER B 202 -18.56 30.72 -0.26
N LEU B 203 -18.16 31.38 -1.34
CA LEU B 203 -19.07 31.61 -2.46
C LEU B 203 -19.29 30.35 -3.30
N PHE B 204 -18.45 29.33 -3.09
CA PHE B 204 -18.50 28.09 -3.86
C PHE B 204 -18.53 26.87 -2.93
N PRO B 205 -19.67 26.63 -2.25
CA PRO B 205 -19.72 25.57 -1.24
C PRO B 205 -19.48 24.18 -1.77
N ASN B 206 -20.09 23.83 -2.91
CA ASN B 206 -19.95 22.48 -3.44
C ASN B 206 -18.53 22.22 -3.97
N PHE B 207 -17.95 23.22 -4.64
CA PHE B 207 -16.55 23.17 -5.08
C PHE B 207 -15.60 23.08 -3.89
N ALA B 208 -15.85 23.90 -2.86
CA ALA B 208 -15.06 23.86 -1.62
C ALA B 208 -15.16 22.49 -0.96
N ASP B 209 -16.38 21.96 -0.90
CA ASP B 209 -16.60 20.60 -0.38
C ASP B 209 -15.83 19.56 -1.21
N TRP B 210 -15.88 19.72 -2.53
CA TRP B 210 -15.14 18.84 -3.47
C TRP B 210 -13.63 18.92 -3.25
N GLY B 211 -13.11 20.13 -3.04
CA GLY B 211 -11.70 20.35 -2.74
C GLY B 211 -11.26 19.57 -1.50
N ASP B 212 -12.08 19.63 -0.45
CA ASP B 212 -11.84 18.85 0.78
C ASP B 212 -11.79 17.35 0.51
N GLN B 213 -12.71 16.86 -0.33
CA GLN B 213 -12.75 15.44 -0.69
C GLN B 213 -11.55 15.03 -1.53
N MET B 214 -11.13 15.89 -2.46
CA MET B 214 -9.98 15.62 -3.32
C MET B 214 -8.68 15.46 -2.51
N GLN B 215 -8.49 16.35 -1.55
CA GLN B 215 -7.32 16.31 -0.66
C GLN B 215 -7.22 15.01 0.12
N LEU B 216 -8.35 14.32 0.28
CA LEU B 216 -8.42 13.04 0.99
C LEU B 216 -8.11 11.84 0.10
N ASP B 217 -8.13 12.06 -1.22
CA ASP B 217 -7.86 11.00 -2.20
C ASP B 217 -6.40 10.56 -2.13
N ASP B 218 -6.16 9.24 -2.12
CA ASP B 218 -4.81 8.69 -2.02
C ASP B 218 -3.90 9.14 -3.14
N ILE B 219 -4.46 9.22 -4.33
CA ILE B 219 -3.72 9.63 -5.53
C ILE B 219 -3.27 11.08 -5.40
N VAL B 220 -4.18 11.96 -4.97
CA VAL B 220 -3.86 13.35 -4.73
C VAL B 220 -2.77 13.51 -3.66
N LYS B 221 -2.92 12.78 -2.56
CA LYS B 221 -1.99 12.84 -1.43
C LYS B 221 -0.58 12.48 -1.84
N LYS B 222 -0.46 11.55 -2.78
CA LYS B 222 0.83 11.08 -3.27
C LYS B 222 1.67 12.18 -3.94
N HIS B 223 1.00 13.20 -4.48
CA HIS B 223 1.72 14.26 -5.19
C HIS B 223 1.40 15.65 -4.66
N ALA B 224 0.80 15.70 -3.47
CA ALA B 224 0.30 16.95 -2.93
C ALA B 224 1.42 17.83 -2.38
N HIS B 225 1.18 19.14 -2.41
CA HIS B 225 1.98 20.07 -1.62
C HIS B 225 1.03 20.97 -0.83
N SER B 226 1.51 21.44 0.32
CA SER B 226 0.70 22.26 1.22
C SER B 226 0.55 23.68 0.69
N PRO B 227 -0.46 24.43 1.18
CA PRO B 227 -0.59 25.83 0.78
C PRO B 227 0.70 26.62 1.03
N GLN B 228 1.28 26.48 2.23
CA GLN B 228 2.54 27.13 2.60
C GLN B 228 3.70 26.75 1.68
N GLU B 229 3.85 25.45 1.39
CA GLU B 229 4.85 24.95 0.45
C GLU B 229 4.76 25.62 -0.92
N TYR B 230 3.54 25.70 -1.47
CA TYR B 230 3.33 26.40 -2.74
C TYR B 230 3.63 27.89 -2.58
N PHE B 231 3.15 28.49 -1.49
CA PHE B 231 3.37 29.91 -1.22
C PHE B 231 4.86 30.22 -1.23
N ASP B 232 5.63 29.47 -0.43
CA ASP B 232 7.08 29.63 -0.37
C ASP B 232 7.78 29.41 -1.71
N TYR B 233 7.32 28.39 -2.46
CA TYR B 233 7.92 28.11 -3.77
C TYR B 233 7.67 29.24 -4.78
N TYR B 234 6.41 29.66 -4.93
CA TYR B 234 6.04 30.71 -5.89
C TYR B 234 6.57 32.08 -5.52
N LYS B 235 6.61 32.37 -4.22
CA LYS B 235 7.33 33.54 -3.70
C LYS B 235 8.72 33.69 -4.30
N ASN B 236 9.47 32.60 -4.31
CA ASN B 236 10.87 32.62 -4.70
C ASN B 236 11.10 32.32 -6.19
N ALA B 237 10.17 31.58 -6.80
CA ALA B 237 10.32 31.14 -8.20
C ALA B 237 9.39 31.83 -9.19
N ARG B 238 8.23 32.28 -8.69
CA ARG B 238 7.17 32.89 -9.52
C ARG B 238 6.68 31.96 -10.62
N ALA B 239 6.21 32.52 -11.72
CA ALA B 239 5.58 31.73 -12.79
C ALA B 239 6.54 31.24 -13.88
N HIS B 240 7.85 31.43 -13.65
CA HIS B 240 8.89 31.15 -14.67
C HIS B 240 8.92 29.72 -15.22
N SER B 241 8.63 28.73 -14.36
CA SER B 241 8.57 27.33 -14.80
C SER B 241 7.17 26.72 -14.60
N MET B 242 6.15 27.58 -14.60
CA MET B 242 4.77 27.18 -14.37
C MET B 242 4.02 26.83 -15.68
N GLY B 243 4.58 27.27 -16.81
CA GLY B 243 3.93 27.11 -18.11
C GLY B 243 4.05 25.74 -18.75
N TYR B 244 3.62 25.64 -20.01
CA TYR B 244 3.68 24.38 -20.76
C TYR B 244 4.86 24.35 -21.74
N TYR B 245 5.74 25.33 -21.61
CA TYR B 245 7.00 25.39 -22.36
C TYR B 245 8.03 26.20 -21.58
N LEU B 246 9.30 25.97 -21.89
CA LEU B 246 10.40 26.74 -21.28
C LEU B 246 11.16 27.56 -22.33
N SER C 12 3.66 -12.57 -13.72
CA SER C 12 3.59 -14.05 -13.86
C SER C 12 2.89 -14.48 -15.14
N VAL C 13 3.27 -15.65 -15.65
CA VAL C 13 2.63 -16.25 -16.84
C VAL C 13 3.07 -17.72 -17.00
N ASN C 14 2.26 -18.51 -17.72
CA ASN C 14 2.48 -19.94 -17.86
C ASN C 14 3.43 -20.29 -19.02
N ALA C 15 4.43 -21.13 -18.73
CA ALA C 15 5.42 -21.54 -19.73
C ALA C 15 4.85 -22.55 -20.73
N GLY C 16 5.07 -22.29 -22.01
CA GLY C 16 4.55 -23.14 -23.07
C GLY C 16 5.60 -23.65 -24.05
N VAL C 17 5.12 -24.26 -25.12
CA VAL C 17 5.96 -24.84 -26.19
C VAL C 17 6.84 -23.80 -26.90
N ILE C 18 6.40 -22.53 -26.82
CA ILE C 18 7.18 -21.39 -27.29
C ILE C 18 7.87 -20.74 -26.10
N PRO C 19 9.22 -20.74 -26.09
CA PRO C 19 10.04 -20.18 -25.01
C PRO C 19 9.86 -18.67 -24.85
N PRO C 20 10.07 -18.16 -23.62
CA PRO C 20 9.99 -16.73 -23.33
C PRO C 20 11.02 -15.96 -24.15
N PRO C 21 10.83 -14.62 -24.29
CA PRO C 21 11.83 -13.80 -24.97
C PRO C 21 13.11 -13.71 -24.14
N ALA C 22 14.17 -13.17 -24.74
CA ALA C 22 15.41 -12.91 -24.03
C ALA C 22 15.13 -11.93 -22.89
N LEU C 23 15.90 -12.04 -21.81
CA LEU C 23 15.74 -11.17 -20.66
C LEU C 23 15.95 -9.71 -21.02
N THR C 24 15.41 -8.83 -20.18
CA THR C 24 15.57 -7.40 -20.36
C THR C 24 16.00 -6.79 -19.04
N ASP C 25 15.01 -6.42 -18.23
CA ASP C 25 15.22 -5.74 -16.97
C ASP C 25 14.94 -6.64 -15.77
N LYS C 26 14.18 -7.71 -16.00
CA LYS C 26 13.74 -8.58 -14.92
C LYS C 26 14.59 -9.85 -14.82
N LEU C 27 14.60 -10.42 -13.61
CA LEU C 27 15.11 -11.77 -13.42
C LEU C 27 13.93 -12.67 -13.69
N ARG C 28 14.20 -13.89 -14.15
CA ARG C 28 13.13 -14.84 -14.42
C ARG C 28 13.26 -16.05 -13.51
N LEU C 29 12.16 -16.37 -12.82
CA LEU C 29 12.10 -17.57 -12.00
C LEU C 29 11.21 -18.60 -12.65
N TYR C 30 11.79 -19.77 -12.94
CA TYR C 30 11.02 -20.91 -13.42
C TYR C 30 10.59 -21.69 -12.20
N HIS C 31 9.27 -21.77 -12.00
CA HIS C 31 8.70 -22.24 -10.74
C HIS C 31 7.53 -23.20 -10.99
N VAL C 32 7.39 -24.20 -10.13
CA VAL C 32 6.16 -25.01 -10.10
C VAL C 32 5.33 -24.57 -8.89
N ASP C 33 4.04 -24.35 -9.13
CA ASP C 33 3.09 -23.97 -8.08
C ASP C 33 3.26 -24.84 -6.83
N MET C 34 3.34 -24.20 -5.67
CA MET C 34 3.38 -24.90 -4.37
C MET C 34 4.73 -25.52 -4.03
N ASN C 35 5.73 -25.31 -4.88
CA ASN C 35 7.07 -25.83 -4.61
C ASN C 35 7.78 -24.97 -3.55
N PRO C 36 8.21 -25.60 -2.44
CA PRO C 36 8.77 -24.87 -1.30
C PRO C 36 10.13 -24.21 -1.57
N TYR C 37 10.92 -24.79 -2.47
CA TYR C 37 12.24 -24.26 -2.79
C TYR C 37 12.12 -23.02 -3.67
N GLY C 38 11.15 -23.03 -4.59
CA GLY C 38 10.80 -21.81 -5.31
C GLY C 38 10.19 -20.76 -4.39
N HIS C 39 9.35 -21.20 -3.44
CA HIS C 39 8.81 -20.33 -2.41
C HIS C 39 9.93 -19.55 -1.70
N ARG C 40 11.01 -20.26 -1.38
CA ARG C 40 12.21 -19.66 -0.79
C ARG C 40 12.72 -18.49 -1.60
N VAL C 41 12.86 -18.72 -2.90
CA VAL C 41 13.45 -17.74 -3.81
C VAL C 41 12.49 -16.58 -4.00
N LEU C 42 11.20 -16.89 -4.12
CA LEU C 42 10.17 -15.84 -4.17
C LEU C 42 10.25 -14.87 -2.99
N LEU C 43 10.40 -15.40 -1.78
CA LEU C 43 10.45 -14.57 -0.58
C LEU C 43 11.69 -13.66 -0.61
N VAL C 44 12.82 -14.23 -0.99
CA VAL C 44 14.08 -13.46 -1.09
C VAL C 44 14.02 -12.39 -2.19
N LEU C 45 13.50 -12.74 -3.36
CA LEU C 45 13.35 -11.75 -4.44
C LEU C 45 12.52 -10.57 -3.95
N GLU C 46 11.44 -10.89 -3.23
CA GLU C 46 10.53 -9.88 -2.71
C GLU C 46 11.22 -9.00 -1.67
N ALA C 47 11.88 -9.65 -0.73
CA ALA C 47 12.61 -8.94 0.36
C ALA C 47 13.68 -7.99 -0.17
N LYS C 48 14.37 -8.41 -1.23
CA LYS C 48 15.45 -7.60 -1.80
C LYS C 48 14.96 -6.58 -2.84
N ARG C 49 13.65 -6.58 -3.09
CA ARG C 49 13.02 -5.65 -4.03
C ARG C 49 13.64 -5.71 -5.43
N ILE C 50 13.92 -6.92 -5.89
CA ILE C 50 14.49 -7.12 -7.21
C ILE C 50 13.35 -7.33 -8.20
N LYS C 51 13.42 -6.64 -9.34
CA LYS C 51 12.46 -6.84 -10.42
C LYS C 51 12.55 -8.25 -10.93
N TYR C 52 11.44 -8.99 -10.87
CA TYR C 52 11.40 -10.35 -11.37
C TYR C 52 10.07 -10.70 -12.02
N GLU C 53 10.07 -11.78 -12.80
CA GLU C 53 8.85 -12.38 -13.30
C GLU C 53 8.88 -13.88 -13.02
N VAL C 54 7.71 -14.49 -12.92
CA VAL C 54 7.62 -15.92 -12.69
C VAL C 54 7.09 -16.63 -13.93
N TYR C 55 7.82 -17.64 -14.39
CA TYR C 55 7.30 -18.53 -15.40
C TYR C 55 6.85 -19.83 -14.76
N ARG C 56 5.54 -20.02 -14.74
CA ARG C 56 4.90 -21.17 -14.12
C ARG C 56 5.09 -22.40 -15.00
N LEU C 57 5.72 -23.42 -14.44
CA LEU C 57 5.93 -24.67 -15.15
C LEU C 57 4.81 -25.65 -14.85
N ASP C 58 4.17 -26.15 -15.90
CA ASP C 58 3.08 -27.11 -15.78
C ASP C 58 3.66 -28.51 -15.97
N PRO C 59 3.76 -29.28 -14.87
CA PRO C 59 4.26 -30.65 -14.90
C PRO C 59 3.56 -31.55 -15.93
N LEU C 60 2.29 -31.26 -16.22
CA LEU C 60 1.52 -32.05 -17.17
C LEU C 60 1.86 -31.71 -18.63
N ARG C 61 2.34 -30.49 -18.86
CA ARG C 61 2.76 -30.06 -20.20
C ARG C 61 4.11 -29.33 -20.16
N LEU C 62 5.18 -30.09 -19.91
CA LEU C 62 6.52 -29.50 -19.79
C LEU C 62 7.16 -29.38 -21.18
N PRO C 63 7.62 -28.17 -21.52
CA PRO C 63 8.16 -27.92 -22.87
C PRO C 63 9.52 -28.59 -23.09
N GLU C 64 9.74 -29.05 -24.33
CA GLU C 64 10.98 -29.74 -24.71
C GLU C 64 12.21 -28.85 -24.66
N TRP C 65 12.03 -27.56 -24.93
CA TRP C 65 13.15 -26.60 -24.82
C TRP C 65 13.66 -26.49 -23.39
N PHE C 66 12.76 -26.64 -22.42
CA PHE C 66 13.12 -26.53 -21.01
C PHE C 66 13.91 -27.76 -20.52
N ARG C 67 13.42 -28.93 -20.90
CA ARG C 67 14.12 -30.20 -20.68
C ARG C 67 15.53 -30.19 -21.30
N ALA C 68 15.68 -29.50 -22.43
CA ALA C 68 16.98 -29.39 -23.09
C ALA C 68 17.97 -28.55 -22.27
N LYS C 69 17.51 -27.39 -21.82
CA LYS C 69 18.32 -26.50 -20.98
C LYS C 69 18.53 -27.07 -19.57
N ASN C 70 17.67 -28.01 -19.18
CA ASN C 70 17.58 -28.45 -17.79
C ASN C 70 17.25 -29.95 -17.71
N PRO C 71 18.17 -30.81 -18.20
CA PRO C 71 17.92 -32.26 -18.35
C PRO C 71 17.60 -32.97 -17.03
N ARG C 72 18.11 -32.45 -15.92
CA ARG C 72 17.83 -33.03 -14.61
C ARG C 72 16.53 -32.51 -13.98
N LEU C 73 15.84 -31.65 -14.73
CA LEU C 73 14.57 -31.05 -14.31
C LEU C 73 14.62 -30.44 -12.91
N LYS C 74 15.75 -29.81 -12.59
CA LYS C 74 15.92 -29.12 -11.32
C LYS C 74 14.95 -27.96 -11.21
N ILE C 75 14.34 -27.83 -10.03
CA ILE C 75 13.35 -26.79 -9.74
C ILE C 75 13.69 -26.18 -8.39
N PRO C 76 13.65 -24.84 -8.27
CA PRO C 76 13.39 -23.81 -9.27
C PRO C 76 14.64 -23.44 -10.08
N VAL C 77 14.45 -22.60 -11.10
CA VAL C 77 15.58 -22.10 -11.89
C VAL C 77 15.52 -20.58 -11.90
N LEU C 78 16.62 -19.93 -11.53
CA LEU C 78 16.75 -18.49 -11.72
C LEU C 78 17.51 -18.22 -13.02
N GLU C 79 16.83 -17.60 -13.98
CA GLU C 79 17.46 -17.16 -15.22
C GLU C 79 17.85 -15.69 -15.10
N ILE C 80 19.11 -15.39 -15.41
CA ILE C 80 19.68 -14.05 -15.28
C ILE C 80 20.41 -13.62 -16.54
N PRO C 81 20.53 -12.30 -16.78
CA PRO C 81 21.37 -11.80 -17.86
C PRO C 81 22.86 -12.01 -17.58
N THR C 82 23.62 -12.45 -18.57
CA THR C 82 25.09 -12.50 -18.46
C THR C 82 25.71 -11.91 -19.72
N ASP C 83 27.03 -11.78 -19.73
CA ASP C 83 27.76 -11.28 -20.90
C ASP C 83 27.69 -12.23 -22.10
N GLN C 84 27.47 -13.51 -21.81
CA GLN C 84 27.43 -14.54 -22.84
C GLN C 84 26.00 -14.93 -23.23
N GLY C 85 25.03 -14.24 -22.62
CA GLY C 85 23.62 -14.52 -22.85
C GLY C 85 22.92 -15.02 -21.60
N ASP C 86 21.63 -15.28 -21.72
CA ASP C 86 20.81 -15.70 -20.58
C ASP C 86 21.22 -17.06 -20.05
N ARG C 87 21.42 -17.13 -18.73
CA ARG C 87 21.94 -18.32 -18.09
C ARG C 87 21.10 -18.71 -16.89
N PHE C 88 21.00 -20.02 -16.69
CA PHE C 88 20.25 -20.64 -15.59
C PHE C 88 21.12 -20.78 -14.33
N LEU C 89 20.57 -20.43 -13.17
CA LEU C 89 21.13 -20.82 -11.87
C LEU C 89 20.20 -21.80 -11.18
N PHE C 90 20.78 -22.78 -10.48
CA PHE C 90 20.01 -23.80 -9.76
C PHE C 90 20.31 -23.77 -8.26
N GLU C 91 19.57 -24.60 -7.50
CA GLU C 91 19.73 -24.78 -6.03
C GLU C 91 19.28 -23.57 -5.24
N SER C 92 18.16 -23.71 -4.52
CA SER C 92 17.54 -22.55 -3.86
C SER C 92 18.52 -21.78 -3.00
N VAL C 93 19.39 -22.50 -2.30
CA VAL C 93 20.37 -21.84 -1.42
C VAL C 93 21.41 -21.03 -2.19
N VAL C 94 21.97 -21.61 -3.25
CA VAL C 94 22.92 -20.92 -4.11
C VAL C 94 22.26 -19.68 -4.73
N ILE C 95 21.03 -19.85 -5.21
CA ILE C 95 20.24 -18.77 -5.81
C ILE C 95 20.07 -17.60 -4.85
N CYS C 96 19.57 -17.89 -3.65
CA CYS C 96 19.28 -16.87 -2.66
C CYS C 96 20.54 -16.16 -2.18
N ASP C 97 21.63 -16.91 -2.04
CA ASP C 97 22.91 -16.33 -1.65
C ASP C 97 23.50 -15.49 -2.77
N TYR C 98 23.27 -15.89 -4.02
CA TYR C 98 23.70 -15.09 -5.16
C TYR C 98 22.99 -13.74 -5.13
N LEU C 99 21.67 -13.78 -4.93
CA LEU C 99 20.84 -12.58 -4.89
C LEU C 99 21.28 -11.62 -3.79
N ASP C 100 21.61 -12.18 -2.62
CA ASP C 100 22.05 -11.36 -1.48
C ASP C 100 23.45 -10.79 -1.68
N GLU C 101 24.29 -11.44 -2.49
CA GLU C 101 25.61 -10.89 -2.82
C GLU C 101 25.55 -9.89 -3.97
N LYS C 102 24.77 -10.21 -5.00
CA LYS C 102 24.71 -9.40 -6.21
C LYS C 102 24.06 -8.05 -5.97
N TYR C 103 22.98 -8.06 -5.18
CA TYR C 103 22.19 -6.87 -4.94
C TYR C 103 22.43 -6.38 -3.52
N THR C 104 23.19 -5.32 -3.43
CA THR C 104 23.76 -4.84 -2.17
C THR C 104 22.74 -4.27 -1.18
N ARG C 105 21.60 -3.80 -1.70
CA ARG C 105 20.51 -3.29 -0.86
C ARG C 105 19.79 -4.42 -0.12
N HIS C 106 19.18 -4.09 1.02
CA HIS C 106 18.32 -5.00 1.78
C HIS C 106 18.99 -6.34 2.03
N THR C 107 20.22 -6.28 2.52
CA THR C 107 21.00 -7.47 2.80
C THR C 107 20.25 -8.37 3.79
N LEU C 108 20.31 -9.68 3.54
CA LEU C 108 19.59 -10.65 4.35
C LEU C 108 20.48 -11.39 5.33
N HIS C 109 21.66 -11.81 4.88
CA HIS C 109 22.59 -12.53 5.74
C HIS C 109 23.19 -11.61 6.82
N SER C 110 23.69 -12.22 7.88
CA SER C 110 24.38 -11.46 8.93
C SER C 110 25.69 -10.92 8.37
N HIS C 111 26.11 -9.76 8.87
CA HIS C 111 27.41 -9.20 8.50
C HIS C 111 28.54 -9.88 9.28
N ASP C 112 28.16 -10.57 10.35
CA ASP C 112 29.10 -11.30 11.20
C ASP C 112 29.27 -12.71 10.65
N PRO C 113 30.49 -13.03 10.17
CA PRO C 113 30.69 -14.30 9.49
C PRO C 113 30.47 -15.52 10.40
N TYR C 114 30.65 -15.36 11.71
CA TYR C 114 30.34 -16.44 12.65
C TYR C 114 28.82 -16.68 12.76
N VAL C 115 28.04 -15.61 12.89
CA VAL C 115 26.58 -15.76 12.91
C VAL C 115 26.08 -16.31 11.58
N LYS C 116 26.67 -15.86 10.47
CA LYS C 116 26.30 -16.39 9.17
C LYS C 116 26.61 -17.89 9.06
N ALA C 117 27.77 -18.32 9.54
CA ALA C 117 28.11 -19.74 9.55
C ALA C 117 27.06 -20.57 10.31
N GLN C 118 26.70 -20.12 11.51
CA GLN C 118 25.60 -20.69 12.31
C GLN C 118 24.27 -20.75 11.55
N ASP C 119 23.96 -19.71 10.79
CA ASP C 119 22.71 -19.64 10.04
C ASP C 119 22.71 -20.69 8.94
N ARG C 120 23.84 -20.78 8.24
CA ARG C 120 24.05 -21.84 7.25
C ARG C 120 23.92 -23.24 7.86
N LEU C 121 24.48 -23.45 9.05
CA LEU C 121 24.39 -24.73 9.73
C LEU C 121 22.96 -25.06 10.15
N LEU C 122 22.24 -24.04 10.61
CA LEU C 122 20.83 -24.17 10.94
C LEU C 122 19.99 -24.50 9.70
N ILE C 123 20.29 -23.85 8.58
CA ILE C 123 19.66 -24.21 7.30
C ILE C 123 19.94 -25.68 6.94
N GLU C 124 21.17 -26.12 7.19
CA GLU C 124 21.53 -27.51 6.90
C GLU C 124 20.78 -28.45 7.86
N ARG C 125 20.70 -28.07 9.13
CA ARG C 125 20.01 -28.86 10.14
C ARG C 125 18.51 -28.92 9.86
N PHE C 126 17.95 -27.82 9.35
CA PHE C 126 16.55 -27.76 8.94
C PHE C 126 16.15 -28.82 7.92
N ASN C 127 17.09 -29.29 7.10
CA ASN C 127 16.81 -30.37 6.14
C ASN C 127 16.26 -31.66 6.78
N GLU C 128 16.48 -31.81 8.08
CA GLU C 128 15.93 -32.91 8.87
C GLU C 128 14.41 -32.75 9.00
N LEU C 129 13.96 -31.53 9.25
CA LEU C 129 12.54 -31.24 9.27
C LEU C 129 11.93 -31.53 7.91
N ILE C 130 12.61 -31.06 6.85
CA ILE C 130 12.20 -31.32 5.47
C ILE C 130 12.06 -32.83 5.18
N LYS C 131 13.10 -33.60 5.52
CA LYS C 131 13.05 -35.07 5.40
C LYS C 131 11.87 -35.65 6.21
N GLY C 132 11.72 -35.16 7.44
CA GLY C 132 10.64 -35.56 8.33
C GLY C 132 9.24 -35.21 7.82
N SER C 133 9.13 -34.16 7.03
CA SER C 133 7.84 -33.78 6.45
C SER C 133 7.54 -34.62 5.20
N LEU C 134 8.60 -34.95 4.46
CA LEU C 134 8.53 -35.84 3.30
C LEU C 134 8.12 -37.26 3.68
N GLU C 135 8.29 -37.60 4.96
CA GLU C 135 7.99 -38.94 5.45
C GLU C 135 6.58 -39.08 6.06
N CYS C 136 6.01 -37.95 6.48
CA CYS C 136 4.58 -37.89 6.82
C CYS C 136 3.76 -38.03 5.55
N PHE C 137 4.33 -37.54 4.44
CA PHE C 137 3.69 -37.52 3.13
C PHE C 137 3.45 -38.93 2.60
N SER C 145 7.03 -37.33 12.34
CA SER C 145 6.55 -36.37 13.32
C SER C 145 7.62 -36.03 14.36
N GLU C 146 8.34 -37.05 14.82
CA GLU C 146 9.37 -36.87 15.85
C GLU C 146 10.57 -36.09 15.33
N GLN C 147 11.03 -36.43 14.12
CA GLN C 147 12.12 -35.74 13.45
C GLN C 147 11.79 -34.26 13.26
N ILE C 148 10.50 -33.95 13.14
CA ILE C 148 10.02 -32.57 13.08
C ILE C 148 10.16 -31.89 14.45
N ILE C 149 9.76 -32.61 15.49
CA ILE C 149 9.84 -32.11 16.86
C ILE C 149 11.28 -31.83 17.28
N GLN C 150 12.17 -32.77 16.96
CA GLN C 150 13.57 -32.67 17.34
C GLN C 150 14.28 -31.48 16.66
N THR C 151 13.91 -31.18 15.42
CA THR C 151 14.47 -30.01 14.74
C THR C 151 13.87 -28.70 15.27
N LEU C 152 12.58 -28.73 15.63
CA LEU C 152 11.90 -27.57 16.22
C LEU C 152 12.48 -27.17 17.57
N GLU C 153 12.80 -28.15 18.40
CA GLU C 153 13.45 -27.94 19.68
C GLU C 153 14.72 -27.11 19.54
N ILE C 154 15.55 -27.47 18.56
CA ILE C 154 16.79 -26.77 18.26
C ILE C 154 16.55 -25.30 17.91
N PHE C 155 15.52 -25.06 17.09
CA PHE C 155 15.18 -23.70 16.67
C PHE C 155 14.54 -22.90 17.79
N GLU C 156 13.74 -23.57 18.63
CA GLU C 156 13.18 -22.95 19.82
C GLU C 156 14.29 -22.44 20.75
N LYS C 157 15.27 -23.29 21.00
CA LYS C 157 16.43 -22.94 21.83
C LYS C 157 17.28 -21.85 21.16
N GLU C 158 17.46 -21.95 19.85
CA GLU C 158 18.20 -20.94 19.11
C GLU C 158 17.55 -19.55 19.21
N LEU C 159 16.27 -19.45 18.89
CA LEU C 159 15.53 -18.19 19.00
C LEU C 159 15.62 -17.58 20.40
N THR C 160 15.34 -18.41 21.41
CA THR C 160 15.41 -18.00 22.81
C THR C 160 16.81 -17.45 23.12
N ASN C 161 17.84 -18.12 22.59
CA ASN C 161 19.24 -17.74 22.83
C ASN C 161 19.63 -16.43 22.14
N ARG C 162 19.06 -16.19 20.96
CA ARG C 162 19.25 -14.93 20.26
C ARG C 162 18.50 -13.81 20.98
N GLY C 163 17.32 -14.13 21.52
CA GLY C 163 16.51 -13.18 22.26
C GLY C 163 15.86 -12.09 21.41
N THR C 164 15.72 -12.35 20.12
CA THR C 164 15.09 -11.41 19.20
C THR C 164 13.74 -11.92 18.66
N ASN C 165 12.94 -11.00 18.13
CA ASN C 165 11.66 -11.36 17.49
C ASN C 165 11.84 -12.27 16.26
N TYR C 166 12.94 -12.09 15.54
CA TYR C 166 13.25 -12.93 14.39
C TYR C 166 14.64 -13.51 14.55
N PHE C 167 14.93 -14.55 13.77
CA PHE C 167 16.30 -15.09 13.70
C PHE C 167 17.27 -14.02 13.19
N GLY C 168 16.78 -13.18 12.27
CA GLY C 168 17.59 -12.09 11.72
C GLY C 168 17.69 -10.83 12.58
N GLY C 169 17.11 -10.85 13.78
CA GLY C 169 17.13 -9.68 14.64
C GLY C 169 15.76 -9.07 14.82
N ASN C 170 15.69 -7.74 14.71
CA ASN C 170 14.44 -6.99 14.86
C ASN C 170 13.53 -7.11 13.64
N ARG C 171 14.13 -7.53 12.53
CA ARG C 171 13.46 -7.74 11.25
C ARG C 171 13.90 -9.10 10.72
N PRO C 172 13.02 -9.79 9.95
CA PRO C 172 13.42 -11.11 9.43
C PRO C 172 14.64 -11.00 8.53
N GLY C 173 15.51 -12.01 8.60
CA GLY C 173 16.71 -12.06 7.78
C GLY C 173 16.70 -13.32 6.93
N MET C 174 17.88 -13.70 6.44
CA MET C 174 18.01 -14.86 5.56
C MET C 174 17.48 -16.15 6.18
N LEU C 175 17.90 -16.46 7.41
CA LEU C 175 17.46 -17.71 8.03
C LEU C 175 15.93 -17.78 8.19
N ASP C 176 15.30 -16.68 8.60
CA ASP C 176 13.84 -16.58 8.63
C ASP C 176 13.17 -16.97 7.32
N TYR C 177 13.64 -16.40 6.20
CA TYR C 177 13.02 -16.67 4.91
C TYR C 177 13.36 -18.05 4.32
N MET C 178 14.56 -18.55 4.61
CA MET C 178 14.99 -19.87 4.12
C MET C 178 14.18 -21.01 4.73
N VAL C 179 13.71 -20.78 5.94
CA VAL C 179 13.06 -21.80 6.74
C VAL C 179 11.54 -21.73 6.58
N TRP C 180 11.06 -20.53 6.27
CA TRP C 180 9.63 -20.23 6.31
C TRP C 180 8.68 -21.10 5.46
N PRO C 181 9.04 -21.43 4.21
CA PRO C 181 8.08 -22.23 3.42
C PRO C 181 7.61 -23.52 4.10
N TRP C 182 8.53 -24.21 4.79
CA TRP C 182 8.17 -25.46 5.45
C TRP C 182 7.44 -25.24 6.75
N VAL C 183 7.74 -24.14 7.45
CA VAL C 183 7.02 -23.79 8.66
C VAL C 183 5.58 -23.42 8.30
N GLU C 184 5.42 -22.67 7.20
CA GLU C 184 4.09 -22.30 6.71
C GLU C 184 3.27 -23.52 6.34
N ARG C 185 3.93 -24.52 5.76
CA ARG C 185 3.26 -25.73 5.36
C ARG C 185 2.91 -26.60 6.56
N LEU C 186 3.70 -26.47 7.62
CA LEU C 186 3.52 -27.24 8.83
C LEU C 186 2.15 -27.00 9.49
N TYR C 187 1.57 -25.81 9.25
CA TYR C 187 0.24 -25.47 9.78
C TYR C 187 -0.88 -26.33 9.19
N LEU C 188 -0.61 -27.04 8.09
CA LEU C 188 -1.59 -27.97 7.52
C LEU C 188 -1.96 -29.08 8.51
N LEU C 189 -1.05 -29.39 9.42
CA LEU C 189 -1.26 -30.41 10.44
C LEU C 189 -2.39 -30.05 11.40
N ARG C 190 -2.71 -28.74 11.47
CA ARG C 190 -3.84 -28.25 12.26
C ARG C 190 -5.19 -28.75 11.70
N CYS C 191 -5.20 -29.09 10.41
CA CYS C 191 -6.40 -29.64 9.77
C CYS C 191 -6.62 -31.11 10.12
N VAL C 192 -5.54 -31.89 10.12
CA VAL C 192 -5.61 -33.33 10.42
C VAL C 192 -6.01 -33.54 11.88
N ASN C 193 -5.15 -33.13 12.80
CA ASN C 193 -5.43 -33.27 14.23
C ASN C 193 -5.22 -31.95 14.96
N ASP C 194 -6.32 -31.23 15.15
CA ASP C 194 -6.29 -29.86 15.67
C ASP C 194 -5.63 -29.76 17.05
N ARG C 195 -6.12 -30.55 18.00
CA ARG C 195 -5.65 -30.47 19.39
C ARG C 195 -4.25 -31.03 19.58
N LYS C 196 -3.92 -32.11 18.85
CA LYS C 196 -2.57 -32.66 18.84
C LYS C 196 -1.53 -31.69 18.24
N PHE C 197 -1.99 -30.82 17.34
CA PHE C 197 -1.14 -29.78 16.76
C PHE C 197 -0.94 -28.61 17.72
N VAL C 198 -2.01 -28.19 18.40
CA VAL C 198 -1.98 -27.06 19.34
C VAL C 198 -1.13 -27.38 20.58
N GLU C 199 -1.17 -28.62 21.02
CA GLU C 199 -0.39 -29.06 22.17
C GLU C 199 1.10 -29.17 21.81
N LYS C 200 1.38 -29.63 20.59
CA LYS C 200 2.73 -29.64 20.06
C LYS C 200 3.27 -28.21 19.95
N LYS C 201 2.45 -27.32 19.39
CA LYS C 201 2.76 -25.88 19.24
C LYS C 201 3.09 -25.24 20.59
N SER C 202 2.51 -25.80 21.65
CA SER C 202 2.69 -25.31 23.02
C SER C 202 4.10 -25.54 23.56
N LEU C 203 4.78 -26.56 23.04
CA LEU C 203 6.14 -26.90 23.45
C LEU C 203 7.19 -25.89 22.97
N PHE C 204 6.81 -25.07 21.98
CA PHE C 204 7.74 -24.10 21.40
C PHE C 204 7.12 -22.69 21.40
N PRO C 205 7.11 -22.02 22.59
CA PRO C 205 6.44 -20.72 22.75
C PRO C 205 7.05 -19.56 21.95
N ASN C 206 8.37 -19.46 21.91
CA ASN C 206 9.01 -18.40 21.14
C ASN C 206 8.89 -18.58 19.62
N PHE C 207 8.99 -19.82 19.17
CA PHE C 207 8.88 -20.20 17.75
C PHE C 207 7.44 -20.01 17.25
N ALA C 208 6.47 -20.42 18.06
CA ALA C 208 5.06 -20.20 17.76
C ALA C 208 4.79 -18.72 17.56
N ASP C 209 5.27 -17.89 18.51
CA ASP C 209 5.12 -16.44 18.45
C ASP C 209 5.77 -15.87 17.19
N TRP C 210 7.00 -16.30 16.92
CA TRP C 210 7.71 -15.97 15.69
C TRP C 210 6.88 -16.32 14.45
N GLY C 211 6.26 -17.50 14.46
CA GLY C 211 5.38 -17.91 13.37
C GLY C 211 4.20 -16.97 13.15
N ASP C 212 3.59 -16.52 14.24
CA ASP C 212 2.54 -15.51 14.14
C ASP C 212 3.03 -14.22 13.48
N GLN C 213 4.20 -13.73 13.93
CA GLN C 213 4.80 -12.51 13.40
C GLN C 213 5.11 -12.63 11.91
N MET C 214 5.64 -13.79 11.52
CA MET C 214 5.98 -14.03 10.11
C MET C 214 4.74 -14.02 9.21
N GLN C 215 3.62 -14.55 9.71
CA GLN C 215 2.36 -14.54 8.95
C GLN C 215 1.84 -13.11 8.72
N LEU C 216 2.35 -12.16 9.49
CA LEU C 216 1.94 -10.76 9.41
C LEU C 216 2.84 -9.95 8.47
N ASP C 217 4.01 -10.49 8.15
CA ASP C 217 5.01 -9.87 7.27
C ASP C 217 4.47 -9.76 5.84
N ASP C 218 4.53 -8.56 5.25
CA ASP C 218 3.96 -8.30 3.91
C ASP C 218 4.57 -9.17 2.81
N ILE C 219 5.84 -9.52 2.99
CA ILE C 219 6.56 -10.38 2.05
C ILE C 219 6.00 -11.81 2.07
N VAL C 220 5.80 -12.32 3.28
CA VAL C 220 5.23 -13.65 3.48
C VAL C 220 3.82 -13.67 2.93
N LYS C 221 3.06 -12.64 3.26
CA LYS C 221 1.68 -12.45 2.85
C LYS C 221 1.50 -12.58 1.34
N LYS C 222 2.41 -11.96 0.59
CA LYS C 222 2.38 -11.98 -0.88
C LYS C 222 2.46 -13.38 -1.50
N HIS C 223 3.13 -14.31 -0.82
CA HIS C 223 3.35 -15.64 -1.39
C HIS C 223 2.76 -16.79 -0.56
N ALA C 224 1.92 -16.43 0.41
CA ALA C 224 1.40 -17.39 1.36
C ALA C 224 0.31 -18.26 0.75
N HIS C 225 0.19 -19.47 1.27
CA HIS C 225 -1.04 -20.25 1.14
C HIS C 225 -1.54 -20.63 2.55
N SER C 226 -2.82 -20.94 2.68
CA SER C 226 -3.42 -21.27 3.97
C SER C 226 -3.19 -22.74 4.35
N PRO C 227 -3.40 -23.10 5.64
CA PRO C 227 -3.28 -24.49 6.08
C PRO C 227 -4.13 -25.45 5.25
N GLN C 228 -5.40 -25.08 5.05
CA GLN C 228 -6.34 -25.93 4.31
C GLN C 228 -5.96 -26.11 2.83
N GLU C 229 -5.38 -25.07 2.24
CA GLU C 229 -4.88 -25.14 0.86
C GLU C 229 -3.68 -26.08 0.75
N TYR C 230 -2.84 -26.10 1.79
CA TYR C 230 -1.72 -27.04 1.83
C TYR C 230 -2.21 -28.44 2.15
N PHE C 231 -3.13 -28.54 3.11
CA PHE C 231 -3.77 -29.81 3.43
C PHE C 231 -4.33 -30.43 2.16
N ASP C 232 -5.20 -29.68 1.48
CA ASP C 232 -5.83 -30.12 0.23
C ASP C 232 -4.79 -30.55 -0.82
N TYR C 233 -3.79 -29.72 -1.03
CA TYR C 233 -2.80 -29.97 -2.07
C TYR C 233 -1.97 -31.24 -1.82
N TYR C 234 -1.40 -31.35 -0.62
CA TYR C 234 -0.57 -32.50 -0.27
C TYR C 234 -1.36 -33.80 -0.07
N LYS C 235 -2.57 -33.68 0.48
CA LYS C 235 -3.51 -34.80 0.55
C LYS C 235 -3.75 -35.40 -0.84
N ASN C 236 -3.98 -34.51 -1.81
CA ASN C 236 -4.24 -34.93 -3.19
C ASN C 236 -2.98 -35.41 -3.91
N ALA C 237 -1.83 -34.86 -3.54
CA ALA C 237 -0.56 -35.26 -4.12
C ALA C 237 -0.07 -36.64 -3.63
N ARG C 238 -0.39 -37.01 -2.39
CA ARG C 238 -0.07 -38.33 -1.84
C ARG C 238 -0.79 -39.44 -2.62
N ALA C 239 -2.01 -39.13 -3.03
CA ALA C 239 -2.82 -40.06 -3.83
C ALA C 239 -2.26 -40.24 -5.24
N HIS C 240 -1.87 -39.13 -5.88
CA HIS C 240 -1.29 -39.19 -7.23
C HIS C 240 0.14 -39.76 -7.27
N SER C 241 0.84 -39.68 -6.14
CA SER C 241 2.20 -40.20 -6.01
C SER C 241 2.31 -41.72 -6.28
N MET C 242 1.18 -42.41 -6.20
CA MET C 242 1.14 -43.87 -6.37
C MET C 242 1.35 -44.34 -7.82
N GLY C 243 1.83 -43.42 -8.67
CA GLY C 243 2.32 -43.75 -10.00
C GLY C 243 3.84 -43.79 -9.98
N TYR C 244 4.45 -42.81 -9.31
CA TYR C 244 5.89 -42.79 -9.07
C TYR C 244 6.28 -43.80 -7.96
N TYR C 245 6.01 -45.08 -8.18
CA TYR C 245 6.48 -46.14 -7.30
C TYR C 245 6.97 -47.36 -8.07
N LEU C 246 8.29 -47.43 -8.23
CA LEU C 246 8.94 -48.55 -8.88
C LEU C 246 9.51 -49.50 -7.84
N HIS D 5 -3.60 1.39 18.27
CA HIS D 5 -3.55 0.10 17.49
C HIS D 5 -2.69 0.16 16.23
N HIS D 6 -2.38 -1.05 15.72
CA HIS D 6 -1.55 -1.20 14.53
C HIS D 6 -2.35 -1.01 13.24
N GLY D 7 -1.67 -0.53 12.20
CA GLY D 7 -2.24 -0.43 10.86
C GLY D 7 -1.67 -1.51 9.97
N THR D 8 -2.50 -2.47 9.57
CA THR D 8 -3.93 -2.47 9.89
C THR D 8 -4.39 -3.70 10.70
N TYR D 9 -4.63 -3.47 11.99
CA TYR D 9 -5.29 -4.45 12.85
C TYR D 9 -6.75 -4.57 12.43
N PHE D 10 -7.26 -5.79 12.40
CA PHE D 10 -8.65 -6.04 12.00
C PHE D 10 -9.39 -6.87 13.05
N HIS D 11 -10.43 -6.28 13.63
CA HIS D 11 -11.12 -6.87 14.76
C HIS D 11 -12.20 -7.86 14.34
N SER D 12 -11.92 -9.15 14.56
CA SER D 12 -12.83 -10.24 14.25
C SER D 12 -12.71 -11.37 15.28
N VAL D 13 -13.64 -11.39 16.21
CA VAL D 13 -13.61 -12.36 17.31
C VAL D 13 -14.88 -13.19 17.29
N ASN D 14 -14.83 -14.38 17.90
CA ASN D 14 -16.02 -15.21 18.06
C ASN D 14 -17.03 -14.56 18.99
N ALA D 15 -18.29 -14.53 18.57
CA ALA D 15 -19.38 -14.11 19.45
C ALA D 15 -19.70 -15.25 20.42
N GLY D 16 -19.68 -14.94 21.71
CA GLY D 16 -19.93 -15.94 22.75
C GLY D 16 -21.01 -15.57 23.73
N VAL D 17 -20.99 -16.22 24.89
CA VAL D 17 -22.00 -16.04 25.95
C VAL D 17 -22.07 -14.59 26.43
N ILE D 18 -20.91 -13.96 26.60
CA ILE D 18 -20.84 -12.55 26.98
C ILE D 18 -21.00 -11.66 25.76
N PRO D 19 -22.04 -10.80 25.74
CA PRO D 19 -22.26 -9.87 24.65
C PRO D 19 -21.17 -8.80 24.61
N PRO D 20 -20.94 -8.21 23.43
CA PRO D 20 -19.90 -7.19 23.27
C PRO D 20 -20.30 -5.86 23.94
N PRO D 21 -19.32 -4.97 24.16
CA PRO D 21 -19.63 -3.62 24.69
C PRO D 21 -20.53 -2.81 23.75
N ALA D 22 -21.17 -1.77 24.29
CA ALA D 22 -21.93 -0.83 23.47
C ALA D 22 -21.01 -0.22 22.41
N LEU D 23 -21.57 0.16 21.27
CA LEU D 23 -20.78 0.72 20.18
C LEU D 23 -20.13 2.04 20.55
N THR D 24 -18.93 2.26 20.03
CA THR D 24 -18.23 3.53 20.20
C THR D 24 -17.97 4.18 18.83
N ASP D 25 -16.82 3.87 18.24
CA ASP D 25 -16.41 4.51 16.99
C ASP D 25 -16.65 3.66 15.76
N LYS D 26 -17.01 2.40 15.97
CA LYS D 26 -17.11 1.43 14.88
C LYS D 26 -18.54 0.89 14.72
N LEU D 27 -18.85 0.44 13.51
CA LEU D 27 -20.07 -0.33 13.30
C LEU D 27 -19.74 -1.79 13.58
N ARG D 28 -20.77 -2.60 13.81
CA ARG D 28 -20.55 -3.99 14.14
C ARG D 28 -21.37 -4.89 13.23
N LEU D 29 -20.69 -5.84 12.58
CA LEU D 29 -21.34 -6.87 11.79
C LEU D 29 -21.30 -8.23 12.48
N TYR D 30 -22.48 -8.80 12.74
CA TYR D 30 -22.57 -10.19 13.21
C TYR D 30 -22.69 -11.05 11.97
N HIS D 31 -21.78 -12.02 11.86
CA HIS D 31 -21.51 -12.68 10.59
C HIS D 31 -21.04 -14.11 10.82
N VAL D 32 -21.53 -15.02 9.98
CA VAL D 32 -21.05 -16.39 9.99
C VAL D 32 -19.92 -16.48 8.97
N ASP D 33 -18.76 -16.98 9.40
CA ASP D 33 -17.62 -17.15 8.50
C ASP D 33 -18.07 -17.89 7.25
N MET D 34 -17.61 -17.42 6.09
CA MET D 34 -17.94 -18.02 4.79
C MET D 34 -19.36 -17.74 4.28
N ASN D 35 -20.17 -17.01 5.03
CA ASN D 35 -21.53 -16.68 4.57
C ASN D 35 -21.48 -15.57 3.52
N PRO D 36 -22.15 -15.77 2.36
CA PRO D 36 -21.99 -14.83 1.26
C PRO D 36 -22.82 -13.54 1.39
N TYR D 37 -23.91 -13.58 2.15
CA TYR D 37 -24.70 -12.40 2.48
C TYR D 37 -23.91 -11.45 3.39
N GLY D 38 -23.22 -12.02 4.38
CA GLY D 38 -22.26 -11.27 5.20
C GLY D 38 -21.08 -10.74 4.41
N HIS D 39 -20.59 -11.55 3.48
CA HIS D 39 -19.54 -11.15 2.54
C HIS D 39 -19.94 -9.90 1.75
N ARG D 40 -21.21 -9.81 1.34
CA ARG D 40 -21.72 -8.63 0.63
C ARG D 40 -21.42 -7.38 1.43
N VAL D 41 -21.84 -7.41 2.70
CA VAL D 41 -21.78 -6.25 3.58
C VAL D 41 -20.34 -5.90 3.91
N LEU D 42 -19.51 -6.93 4.11
CA LEU D 42 -18.08 -6.71 4.32
C LEU D 42 -17.44 -5.97 3.16
N LEU D 43 -17.80 -6.35 1.93
CA LEU D 43 -17.29 -5.67 0.74
C LEU D 43 -17.72 -4.19 0.71
N VAL D 44 -18.97 -3.92 1.06
CA VAL D 44 -19.50 -2.54 1.10
C VAL D 44 -18.86 -1.69 2.20
N LEU D 45 -18.76 -2.24 3.41
CA LEU D 45 -18.10 -1.55 4.51
C LEU D 45 -16.66 -1.17 4.13
N GLU D 46 -15.98 -2.12 3.49
CA GLU D 46 -14.60 -1.94 3.10
C GLU D 46 -14.48 -0.87 2.01
N ALA D 47 -15.28 -1.03 0.96
CA ALA D 47 -15.33 -0.08 -0.15
C ALA D 47 -15.65 1.36 0.27
N LYS D 48 -16.50 1.50 1.29
CA LYS D 48 -16.89 2.84 1.75
C LYS D 48 -15.96 3.39 2.84
N ARG D 49 -14.95 2.59 3.20
CA ARG D 49 -13.95 2.96 4.21
C ARG D 49 -14.61 3.38 5.53
N ILE D 50 -15.60 2.60 5.95
CA ILE D 50 -16.25 2.76 7.24
C ILE D 50 -15.57 1.86 8.27
N LYS D 51 -15.37 2.37 9.48
CA LYS D 51 -14.79 1.60 10.57
C LYS D 51 -15.78 0.60 11.15
N TYR D 52 -15.35 -0.65 11.21
CA TYR D 52 -16.23 -1.71 11.67
C TYR D 52 -15.44 -2.83 12.32
N GLU D 53 -16.16 -3.66 13.07
CA GLU D 53 -15.63 -4.90 13.61
C GLU D 53 -16.57 -6.06 13.29
N VAL D 54 -16.01 -7.26 13.25
CA VAL D 54 -16.78 -8.45 12.94
C VAL D 54 -16.95 -9.32 14.18
N TYR D 55 -18.20 -9.56 14.55
CA TYR D 55 -18.47 -10.61 15.53
C TYR D 55 -18.95 -11.85 14.83
N ARG D 56 -18.10 -12.88 14.89
CA ARG D 56 -18.32 -14.11 14.17
C ARG D 56 -19.28 -15.02 14.92
N LEU D 57 -20.31 -15.47 14.21
CA LEU D 57 -21.37 -16.28 14.78
C LEU D 57 -21.12 -17.76 14.54
N ASP D 58 -21.21 -18.54 15.62
CA ASP D 58 -21.21 -19.99 15.55
C ASP D 58 -22.65 -20.46 15.37
N PRO D 59 -23.00 -20.99 14.18
CA PRO D 59 -24.36 -21.40 13.85
C PRO D 59 -24.94 -22.45 14.81
N LEU D 60 -24.07 -23.23 15.43
CA LEU D 60 -24.47 -24.21 16.44
C LEU D 60 -24.74 -23.49 17.76
N ARG D 61 -23.73 -22.75 18.23
CA ARG D 61 -23.74 -22.09 19.52
C ARG D 61 -24.06 -20.60 19.38
N LEU D 62 -25.34 -20.31 19.26
CA LEU D 62 -25.82 -18.95 19.08
C LEU D 62 -26.20 -18.40 20.47
N PRO D 63 -25.62 -17.27 20.87
CA PRO D 63 -25.88 -16.69 22.20
C PRO D 63 -27.36 -16.31 22.40
N GLU D 64 -27.86 -16.46 23.62
CA GLU D 64 -29.27 -16.20 23.91
C GLU D 64 -29.67 -14.74 23.68
N TRP D 65 -28.79 -13.81 24.04
CA TRP D 65 -29.06 -12.40 23.81
C TRP D 65 -29.23 -12.08 22.33
N PHE D 66 -28.50 -12.79 21.47
CA PHE D 66 -28.57 -12.56 20.03
C PHE D 66 -29.88 -13.08 19.48
N ARG D 67 -30.25 -14.28 19.91
CA ARG D 67 -31.51 -14.94 19.54
C ARG D 67 -32.71 -14.12 19.99
N ALA D 68 -32.60 -13.49 21.15
CA ALA D 68 -33.62 -12.58 21.68
C ALA D 68 -33.83 -11.35 20.79
N LYS D 69 -32.74 -10.74 20.34
CA LYS D 69 -32.82 -9.53 19.53
C LYS D 69 -32.98 -9.84 18.03
N ASN D 70 -33.01 -11.12 17.70
CA ASN D 70 -33.09 -11.60 16.31
C ASN D 70 -33.71 -13.02 16.24
N PRO D 71 -35.00 -13.14 16.58
CA PRO D 71 -35.63 -14.46 16.81
C PRO D 71 -35.75 -15.33 15.55
N ARG D 72 -35.84 -14.70 14.38
CA ARG D 72 -35.83 -15.44 13.12
C ARG D 72 -34.41 -15.76 12.68
N LEU D 73 -33.43 -15.25 13.41
CA LEU D 73 -32.00 -15.50 13.18
C LEU D 73 -31.54 -15.11 11.77
N LYS D 74 -31.96 -13.93 11.35
CA LYS D 74 -31.54 -13.38 10.06
C LYS D 74 -30.05 -13.11 10.10
N ILE D 75 -29.43 -13.21 8.93
CA ILE D 75 -27.99 -13.13 8.80
C ILE D 75 -27.62 -12.43 7.48
N PRO D 76 -26.64 -11.52 7.52
CA PRO D 76 -25.92 -11.02 8.69
C PRO D 76 -26.72 -9.95 9.40
N VAL D 77 -26.17 -9.44 10.50
CA VAL D 77 -26.77 -8.31 11.20
C VAL D 77 -25.75 -7.17 11.30
N LEU D 78 -26.17 -5.97 10.92
CA LEU D 78 -25.38 -4.77 11.17
C LEU D 78 -25.94 -4.02 12.38
N GLU D 79 -25.12 -3.88 13.42
CA GLU D 79 -25.50 -3.11 14.58
C GLU D 79 -24.97 -1.69 14.44
N ILE D 80 -25.82 -0.72 14.76
CA ILE D 80 -25.50 0.71 14.57
C ILE D 80 -25.91 1.54 15.80
N PRO D 81 -25.21 2.67 16.04
CA PRO D 81 -25.64 3.56 17.12
C PRO D 81 -26.84 4.40 16.68
N THR D 82 -27.74 4.68 17.61
CA THR D 82 -28.87 5.57 17.36
C THR D 82 -29.17 6.42 18.59
N ASP D 83 -30.11 7.35 18.41
CA ASP D 83 -30.63 8.19 19.49
C ASP D 83 -30.96 7.43 20.75
N GLN D 84 -31.72 6.35 20.60
CA GLN D 84 -32.20 5.56 21.72
C GLN D 84 -31.45 4.23 21.88
N GLY D 85 -30.15 4.24 21.58
CA GLY D 85 -29.30 3.06 21.79
C GLY D 85 -28.94 2.28 20.54
N ASP D 86 -28.04 1.31 20.73
CA ASP D 86 -27.57 0.47 19.62
C ASP D 86 -28.73 -0.31 19.01
N ARG D 87 -28.72 -0.43 17.68
CA ARG D 87 -29.82 -1.08 16.96
C ARG D 87 -29.35 -2.04 15.90
N PHE D 88 -30.11 -3.11 15.74
CA PHE D 88 -29.87 -4.12 14.71
C PHE D 88 -30.56 -3.73 13.39
N LEU D 89 -29.82 -3.83 12.27
CA LEU D 89 -30.40 -3.76 10.95
C LEU D 89 -30.27 -5.11 10.27
N PHE D 90 -31.32 -5.51 9.55
CA PHE D 90 -31.38 -6.82 8.86
C PHE D 90 -31.43 -6.69 7.35
N GLU D 91 -31.20 -7.81 6.66
CA GLU D 91 -31.30 -7.94 5.19
C GLU D 91 -30.12 -7.27 4.48
N SER D 92 -29.31 -8.07 3.79
CA SER D 92 -28.08 -7.56 3.17
C SER D 92 -28.29 -6.35 2.24
N VAL D 93 -29.37 -6.38 1.46
CA VAL D 93 -29.67 -5.31 0.51
C VAL D 93 -29.99 -3.99 1.22
N VAL D 94 -30.85 -4.08 2.22
CA VAL D 94 -31.25 -2.94 3.03
C VAL D 94 -30.05 -2.42 3.83
N ILE D 95 -29.23 -3.32 4.32
CA ILE D 95 -28.01 -2.95 5.07
C ILE D 95 -27.04 -2.18 4.19
N CYS D 96 -26.74 -2.72 3.01
CA CYS D 96 -25.83 -2.08 2.08
C CYS D 96 -26.33 -0.74 1.57
N ASP D 97 -27.63 -0.64 1.30
CA ASP D 97 -28.24 0.64 0.88
C ASP D 97 -28.28 1.66 2.03
N TYR D 98 -28.57 1.19 3.25
CA TYR D 98 -28.48 2.08 4.40
C TYR D 98 -27.07 2.68 4.47
N LEU D 99 -26.05 1.82 4.37
CA LEU D 99 -24.66 2.27 4.43
C LEU D 99 -24.35 3.30 3.36
N ASP D 100 -24.89 3.07 2.17
CA ASP D 100 -24.58 3.91 1.02
C ASP D 100 -25.27 5.28 1.08
N GLU D 101 -26.38 5.37 1.81
CA GLU D 101 -27.10 6.63 1.98
C GLU D 101 -26.60 7.39 3.21
N LYS D 102 -26.30 6.64 4.27
CA LYS D 102 -25.82 7.21 5.53
C LYS D 102 -24.45 7.91 5.38
N TYR D 103 -23.55 7.24 4.67
CA TYR D 103 -22.17 7.69 4.48
C TYR D 103 -22.00 8.11 3.03
N THR D 104 -22.02 9.42 2.81
CA THR D 104 -22.06 10.00 1.46
C THR D 104 -20.74 9.86 0.72
N ARG D 105 -19.63 9.79 1.46
CA ARG D 105 -18.33 9.53 0.84
C ARG D 105 -18.35 8.15 0.21
N HIS D 106 -17.61 7.99 -0.88
CA HIS D 106 -17.48 6.70 -1.58
C HIS D 106 -18.83 6.08 -1.92
N THR D 107 -19.68 6.86 -2.57
CA THR D 107 -21.01 6.42 -2.99
C THR D 107 -20.89 5.26 -3.99
N LEU D 108 -21.70 4.23 -3.83
CA LEU D 108 -21.58 3.01 -4.62
C LEU D 108 -22.67 2.88 -5.69
N HIS D 109 -23.89 3.27 -5.34
CA HIS D 109 -25.01 3.17 -6.30
C HIS D 109 -24.83 4.21 -7.41
N SER D 110 -25.39 3.96 -8.58
CA SER D 110 -25.41 4.97 -9.65
C SER D 110 -26.19 6.20 -9.23
N HIS D 111 -25.74 7.36 -9.69
CA HIS D 111 -26.41 8.63 -9.43
C HIS D 111 -27.60 8.79 -10.40
N ASP D 112 -27.61 7.96 -11.44
CA ASP D 112 -28.68 7.95 -12.43
C ASP D 112 -29.76 6.98 -11.95
N PRO D 113 -30.97 7.50 -11.64
CA PRO D 113 -31.97 6.60 -11.04
C PRO D 113 -32.43 5.46 -11.94
N TYR D 114 -32.39 5.67 -13.26
CA TYR D 114 -32.72 4.59 -14.20
C TYR D 114 -31.68 3.47 -14.16
N VAL D 115 -30.40 3.83 -14.15
CA VAL D 115 -29.33 2.85 -14.00
C VAL D 115 -29.48 2.12 -12.67
N LYS D 116 -29.72 2.88 -11.60
CA LYS D 116 -29.88 2.34 -10.25
C LYS D 116 -31.02 1.31 -10.22
N ALA D 117 -32.13 1.66 -10.85
CA ALA D 117 -33.28 0.78 -11.02
C ALA D 117 -32.92 -0.52 -11.78
N GLN D 118 -32.27 -0.40 -12.93
CA GLN D 118 -31.71 -1.56 -13.62
C GLN D 118 -30.80 -2.39 -12.71
N ASP D 119 -29.93 -1.73 -11.95
CA ASP D 119 -29.04 -2.45 -11.01
C ASP D 119 -29.84 -3.24 -9.97
N ARG D 120 -30.91 -2.65 -9.44
CA ARG D 120 -31.74 -3.34 -8.42
C ARG D 120 -32.52 -4.54 -8.99
N LEU D 121 -32.99 -4.43 -10.24
CA LEU D 121 -33.63 -5.55 -10.93
C LEU D 121 -32.66 -6.70 -11.17
N LEU D 122 -31.43 -6.37 -11.56
CA LEU D 122 -30.36 -7.34 -11.68
C LEU D 122 -30.02 -8.04 -10.36
N ILE D 123 -29.94 -7.28 -9.27
CA ILE D 123 -29.75 -7.89 -7.95
C ILE D 123 -30.83 -8.95 -7.70
N GLU D 124 -32.08 -8.61 -8.02
CA GLU D 124 -33.20 -9.53 -7.91
C GLU D 124 -33.05 -10.74 -8.85
N ARG D 125 -32.70 -10.51 -10.10
CA ARG D 125 -32.50 -11.61 -11.07
C ARG D 125 -31.40 -12.58 -10.63
N PHE D 126 -30.36 -12.02 -10.03
CA PHE D 126 -29.22 -12.80 -9.53
C PHE D 126 -29.62 -13.85 -8.48
N ASN D 127 -30.72 -13.63 -7.76
CA ASN D 127 -31.22 -14.61 -6.78
C ASN D 127 -31.38 -16.01 -7.37
N GLU D 128 -31.59 -16.10 -8.68
CA GLU D 128 -31.70 -17.39 -9.35
C GLU D 128 -30.36 -18.11 -9.38
N LEU D 129 -29.29 -17.35 -9.62
CA LEU D 129 -27.93 -17.90 -9.56
C LEU D 129 -27.60 -18.31 -8.13
N ILE D 130 -27.97 -17.47 -7.17
CA ILE D 130 -27.85 -17.80 -5.76
C ILE D 130 -28.52 -19.13 -5.43
N LYS D 131 -29.77 -19.29 -5.87
CA LYS D 131 -30.55 -20.50 -5.61
C LYS D 131 -29.84 -21.75 -6.14
N GLY D 132 -29.42 -21.68 -7.41
CA GLY D 132 -28.70 -22.78 -8.05
C GLY D 132 -27.39 -23.14 -7.36
N SER D 133 -26.68 -22.11 -6.91
CA SER D 133 -25.39 -22.29 -6.24
C SER D 133 -25.56 -22.90 -4.84
N LEU D 134 -26.64 -22.52 -4.15
CA LEU D 134 -26.99 -23.08 -2.84
C LEU D 134 -27.23 -24.59 -2.96
N GLU D 135 -28.06 -24.98 -3.92
CA GLU D 135 -28.35 -26.37 -4.23
C GLU D 135 -27.09 -27.11 -4.68
N CYS D 136 -26.27 -26.40 -5.45
CA CYS D 136 -25.03 -26.97 -5.97
C CYS D 136 -24.05 -27.31 -4.85
N PHE D 137 -23.79 -26.34 -3.97
CA PHE D 137 -22.85 -26.54 -2.87
C PHE D 137 -23.41 -27.46 -1.78
N ASP D 138 -24.73 -27.66 -1.82
CA ASP D 138 -25.43 -28.48 -0.83
C ASP D 138 -25.46 -29.97 -1.20
N THR D 139 -25.35 -30.27 -2.49
CA THR D 139 -25.54 -31.64 -2.99
C THR D 139 -24.29 -32.22 -3.65
N ASN D 140 -23.11 -31.86 -3.11
CA ASN D 140 -21.81 -32.33 -3.63
C ASN D 140 -21.57 -31.91 -5.09
N PHE D 141 -22.02 -30.70 -5.43
CA PHE D 141 -21.77 -30.06 -6.73
C PHE D 141 -22.43 -30.80 -7.90
N ALA D 142 -23.52 -31.51 -7.61
CA ALA D 142 -24.20 -32.34 -8.60
C ALA D 142 -25.34 -31.63 -9.33
N PHE D 143 -26.11 -30.83 -8.59
CA PHE D 143 -27.34 -30.22 -9.11
C PHE D 143 -27.26 -28.69 -9.15
N GLY D 144 -28.28 -28.06 -9.73
CA GLY D 144 -28.40 -26.59 -9.75
C GLY D 144 -27.55 -25.92 -10.81
N SER D 145 -27.15 -26.68 -11.82
CA SER D 145 -26.16 -26.23 -12.79
C SER D 145 -26.65 -25.14 -13.76
N GLU D 146 -27.80 -25.35 -14.40
CA GLU D 146 -28.26 -24.39 -15.41
C GLU D 146 -28.98 -23.17 -14.82
N GLN D 147 -29.34 -23.25 -13.54
CA GLN D 147 -29.75 -22.06 -12.78
C GLN D 147 -28.64 -21.02 -12.85
N ILE D 148 -27.40 -21.50 -12.66
CA ILE D 148 -26.22 -20.67 -12.68
C ILE D 148 -25.94 -20.14 -14.09
N ILE D 149 -25.91 -21.05 -15.06
CA ILE D 149 -25.54 -20.73 -16.45
C ILE D 149 -26.50 -19.72 -17.12
N GLN D 150 -27.81 -19.90 -16.89
CA GLN D 150 -28.82 -19.00 -17.46
C GLN D 150 -28.75 -17.58 -16.92
N THR D 151 -28.43 -17.44 -15.64
CA THR D 151 -28.27 -16.12 -15.04
C THR D 151 -27.00 -15.46 -15.59
N LEU D 152 -25.94 -16.25 -15.75
CA LEU D 152 -24.68 -15.75 -16.31
C LEU D 152 -24.86 -15.19 -17.73
N GLU D 153 -25.71 -15.85 -18.53
CA GLU D 153 -26.06 -15.34 -19.85
C GLU D 153 -26.63 -13.93 -19.77
N ILE D 154 -27.56 -13.71 -18.85
CA ILE D 154 -28.18 -12.39 -18.63
C ILE D 154 -27.16 -11.30 -18.26
N PHE D 155 -26.19 -11.65 -17.41
CA PHE D 155 -25.19 -10.67 -16.96
C PHE D 155 -24.10 -10.41 -18.00
N GLU D 156 -23.74 -11.44 -18.77
CA GLU D 156 -22.83 -11.30 -19.90
C GLU D 156 -23.40 -10.30 -20.90
N LYS D 157 -24.66 -10.50 -21.27
CA LYS D 157 -25.34 -9.57 -22.17
C LYS D 157 -25.41 -8.16 -21.58
N GLU D 158 -25.78 -8.08 -20.30
CA GLU D 158 -25.87 -6.79 -19.61
C GLU D 158 -24.51 -6.07 -19.55
N LEU D 159 -23.45 -6.82 -19.20
CA LEU D 159 -22.12 -6.22 -19.12
C LEU D 159 -21.63 -5.80 -20.51
N THR D 160 -21.89 -6.66 -21.50
CA THR D 160 -21.57 -6.33 -22.88
C THR D 160 -22.26 -5.03 -23.31
N ASN D 161 -23.58 -4.95 -23.10
CA ASN D 161 -24.35 -3.76 -23.48
C ASN D 161 -23.85 -2.48 -22.81
N ARG D 162 -23.42 -2.59 -21.55
CA ARG D 162 -22.88 -1.45 -20.80
C ARG D 162 -21.52 -0.97 -21.33
N GLY D 163 -20.68 -1.91 -21.77
CA GLY D 163 -19.40 -1.59 -22.42
C GLY D 163 -18.31 -1.06 -21.51
N THR D 164 -18.50 -1.22 -20.20
CA THR D 164 -17.55 -0.70 -19.22
C THR D 164 -16.77 -1.85 -18.59
N ASN D 165 -15.71 -1.53 -17.84
CA ASN D 165 -14.94 -2.57 -17.15
C ASN D 165 -15.76 -3.24 -16.06
N TYR D 166 -16.65 -2.47 -15.45
CA TYR D 166 -17.51 -2.94 -14.39
C TYR D 166 -18.97 -2.58 -14.66
N PHE D 167 -19.86 -3.21 -13.90
CA PHE D 167 -21.28 -2.88 -13.95
C PHE D 167 -21.53 -1.46 -13.46
N GLY D 168 -20.71 -1.00 -12.52
CA GLY D 168 -20.77 0.39 -12.06
C GLY D 168 -20.05 1.41 -12.95
N GLY D 169 -19.56 0.97 -14.10
CA GLY D 169 -18.83 1.87 -15.00
C GLY D 169 -17.33 1.70 -14.87
N ASN D 170 -16.61 2.80 -14.71
CA ASN D 170 -15.14 2.79 -14.72
C ASN D 170 -14.49 2.17 -13.46
N ARG D 171 -15.25 2.12 -12.37
CA ARG D 171 -14.82 1.50 -11.12
C ARG D 171 -15.95 0.59 -10.59
N PRO D 172 -15.63 -0.39 -9.73
CA PRO D 172 -16.74 -1.22 -9.21
C PRO D 172 -17.76 -0.36 -8.46
N GLY D 173 -19.04 -0.69 -8.64
CA GLY D 173 -20.15 0.00 -7.97
C GLY D 173 -20.94 -0.99 -7.13
N MET D 174 -22.09 -0.54 -6.63
CA MET D 174 -22.94 -1.39 -5.80
C MET D 174 -23.26 -2.76 -6.41
N LEU D 175 -23.65 -2.81 -7.68
CA LEU D 175 -23.98 -4.07 -8.34
C LEU D 175 -22.81 -5.07 -8.32
N ASP D 176 -21.62 -4.60 -8.66
CA ASP D 176 -20.42 -5.44 -8.65
C ASP D 176 -20.21 -6.12 -7.31
N TYR D 177 -20.32 -5.35 -6.23
CA TYR D 177 -20.05 -5.91 -4.92
C TYR D 177 -21.21 -6.77 -4.40
N MET D 178 -22.44 -6.49 -4.84
CA MET D 178 -23.59 -7.30 -4.41
C MET D 178 -23.54 -8.70 -5.00
N VAL D 179 -22.97 -8.79 -6.19
CA VAL D 179 -22.99 -10.01 -6.97
C VAL D 179 -21.73 -10.83 -6.70
N TRP D 180 -20.66 -10.15 -6.27
CA TRP D 180 -19.32 -10.76 -6.19
C TRP D 180 -19.17 -12.01 -5.29
N PRO D 181 -19.70 -12.00 -4.05
CA PRO D 181 -19.49 -13.17 -3.18
C PRO D 181 -19.87 -14.51 -3.83
N TRP D 182 -20.96 -14.55 -4.59
CA TRP D 182 -21.34 -15.78 -5.29
C TRP D 182 -20.44 -16.09 -6.48
N VAL D 183 -20.11 -15.09 -7.29
CA VAL D 183 -19.17 -15.30 -8.41
C VAL D 183 -17.81 -15.80 -7.90
N GLU D 184 -17.30 -15.20 -6.83
CA GLU D 184 -16.02 -15.62 -6.25
C GLU D 184 -16.08 -17.10 -5.84
N ARG D 185 -17.26 -17.57 -5.47
CA ARG D 185 -17.46 -18.95 -5.05
C ARG D 185 -17.55 -19.91 -6.22
N LEU D 186 -18.16 -19.49 -7.32
CA LEU D 186 -18.27 -20.31 -8.53
C LEU D 186 -16.94 -20.85 -9.05
N TYR D 187 -15.86 -20.13 -8.77
CA TYR D 187 -14.53 -20.56 -9.16
C TYR D 187 -14.12 -21.89 -8.54
N LEU D 188 -14.75 -22.23 -7.41
CA LEU D 188 -14.51 -23.53 -6.76
C LEU D 188 -14.86 -24.70 -7.69
N LEU D 189 -15.78 -24.46 -8.62
CA LEU D 189 -16.21 -25.48 -9.58
C LEU D 189 -15.08 -25.97 -10.47
N ARG D 190 -13.98 -25.21 -10.53
CA ARG D 190 -12.81 -25.60 -11.30
C ARG D 190 -12.07 -26.76 -10.63
N CYS D 191 -12.25 -26.89 -9.31
CA CYS D 191 -11.70 -28.01 -8.56
C CYS D 191 -12.57 -29.26 -8.70
N VAL D 192 -13.85 -29.07 -9.04
CA VAL D 192 -14.76 -30.18 -9.29
C VAL D 192 -14.52 -30.75 -10.68
N ASN D 193 -14.53 -29.88 -11.69
CA ASN D 193 -14.33 -30.30 -13.08
C ASN D 193 -13.65 -29.21 -13.92
N ASP D 194 -12.32 -29.22 -13.90
CA ASP D 194 -11.47 -28.25 -14.59
C ASP D 194 -11.93 -27.91 -16.02
N ARG D 195 -12.08 -28.95 -16.84
CA ARG D 195 -12.37 -28.77 -18.27
C ARG D 195 -13.80 -28.31 -18.54
N LYS D 196 -14.76 -28.84 -17.77
CA LYS D 196 -16.15 -28.39 -17.82
C LYS D 196 -16.25 -26.91 -17.44
N PHE D 197 -15.55 -26.54 -16.38
CA PHE D 197 -15.54 -25.15 -15.90
C PHE D 197 -15.00 -24.17 -16.94
N VAL D 198 -13.83 -24.48 -17.49
CA VAL D 198 -13.17 -23.65 -18.50
C VAL D 198 -14.04 -23.53 -19.75
N GLU D 199 -14.78 -24.60 -20.05
CA GLU D 199 -15.72 -24.63 -21.15
C GLU D 199 -16.89 -23.66 -20.91
N LYS D 200 -17.50 -23.76 -19.73
CA LYS D 200 -18.64 -22.91 -19.41
C LYS D 200 -18.20 -21.44 -19.26
N LYS D 201 -17.04 -21.22 -18.64
CA LYS D 201 -16.45 -19.87 -18.48
C LYS D 201 -16.24 -19.17 -19.82
N SER D 202 -15.85 -19.97 -20.83
CA SER D 202 -15.61 -19.51 -22.20
C SER D 202 -16.85 -18.87 -22.85
N LEU D 203 -18.04 -19.35 -22.47
CA LEU D 203 -19.30 -18.84 -22.98
C LEU D 203 -19.57 -17.38 -22.60
N PHE D 204 -18.86 -16.91 -21.57
CA PHE D 204 -19.11 -15.58 -21.01
C PHE D 204 -17.82 -14.77 -20.96
N PRO D 205 -17.31 -14.34 -22.13
CA PRO D 205 -15.96 -13.75 -22.20
C PRO D 205 -15.80 -12.44 -21.42
N ASN D 206 -16.76 -11.54 -21.52
CA ASN D 206 -16.68 -10.24 -20.82
C ASN D 206 -16.82 -10.33 -19.31
N PHE D 207 -17.78 -11.16 -18.87
CA PHE D 207 -17.99 -11.47 -17.46
C PHE D 207 -16.74 -12.12 -16.86
N ALA D 208 -16.10 -13.01 -17.64
CA ALA D 208 -14.86 -13.68 -17.23
C ALA D 208 -13.73 -12.69 -16.99
N ASP D 209 -13.52 -11.77 -17.93
CA ASP D 209 -12.53 -10.70 -17.79
C ASP D 209 -12.86 -9.76 -16.61
N TRP D 210 -14.15 -9.46 -16.41
CA TRP D 210 -14.61 -8.70 -15.25
C TRP D 210 -14.23 -9.37 -13.91
N GLY D 211 -14.49 -10.68 -13.82
CA GLY D 211 -14.11 -11.47 -12.66
C GLY D 211 -12.61 -11.46 -12.39
N ASP D 212 -11.81 -11.42 -13.45
CA ASP D 212 -10.36 -11.26 -13.33
C ASP D 212 -9.98 -9.90 -12.74
N GLN D 213 -10.63 -8.84 -13.23
CA GLN D 213 -10.36 -7.49 -12.75
C GLN D 213 -10.80 -7.34 -11.29
N MET D 214 -11.96 -7.91 -10.96
CA MET D 214 -12.48 -7.90 -9.59
C MET D 214 -11.52 -8.53 -8.58
N GLN D 215 -10.91 -9.65 -8.96
CA GLN D 215 -9.94 -10.35 -8.11
C GLN D 215 -8.72 -9.50 -7.74
N LEU D 216 -8.37 -8.56 -8.60
CA LEU D 216 -7.25 -7.64 -8.35
C LEU D 216 -7.68 -6.41 -7.52
N ASP D 217 -8.97 -6.31 -7.21
CA ASP D 217 -9.49 -5.19 -6.44
C ASP D 217 -9.08 -5.35 -4.98
N ASP D 218 -8.45 -4.32 -4.43
CA ASP D 218 -7.99 -4.31 -3.04
C ASP D 218 -9.09 -4.67 -2.03
N ILE D 219 -10.30 -4.19 -2.28
CA ILE D 219 -11.45 -4.47 -1.42
C ILE D 219 -11.83 -5.95 -1.46
N VAL D 220 -11.90 -6.51 -2.67
CA VAL D 220 -12.17 -7.93 -2.88
C VAL D 220 -11.13 -8.82 -2.18
N LYS D 221 -9.87 -8.47 -2.34
CA LYS D 221 -8.76 -9.27 -1.81
C LYS D 221 -8.79 -9.37 -0.29
N LYS D 222 -9.30 -8.33 0.37
CA LYS D 222 -9.40 -8.29 1.84
C LYS D 222 -10.33 -9.38 2.40
N HIS D 223 -11.33 -9.77 1.62
CA HIS D 223 -12.29 -10.78 2.09
C HIS D 223 -12.37 -12.03 1.22
N ALA D 224 -11.39 -12.19 0.33
CA ALA D 224 -11.39 -13.30 -0.62
C ALA D 224 -11.02 -14.62 0.03
N HIS D 225 -11.52 -15.69 -0.57
CA HIS D 225 -11.01 -17.03 -0.36
C HIS D 225 -10.80 -17.65 -1.73
N SER D 226 -9.79 -18.51 -1.85
CA SER D 226 -9.44 -19.14 -3.11
C SER D 226 -10.46 -20.23 -3.49
N PRO D 227 -10.48 -20.62 -4.78
CA PRO D 227 -11.35 -21.70 -5.23
C PRO D 227 -11.15 -22.98 -4.39
N GLN D 228 -9.89 -23.28 -4.09
CA GLN D 228 -9.53 -24.45 -3.30
C GLN D 228 -10.10 -24.37 -1.89
N GLU D 229 -10.06 -23.20 -1.30
CA GLU D 229 -10.58 -22.99 0.04
C GLU D 229 -12.11 -23.13 0.08
N TYR D 230 -12.78 -22.58 -0.94
CA TYR D 230 -14.24 -22.68 -1.04
C TYR D 230 -14.65 -24.13 -1.30
N PHE D 231 -13.89 -24.81 -2.16
CA PHE D 231 -14.13 -26.21 -2.50
C PHE D 231 -14.01 -27.08 -1.25
N ASP D 232 -12.93 -26.87 -0.50
CA ASP D 232 -12.66 -27.63 0.73
C ASP D 232 -13.72 -27.37 1.79
N TYR D 233 -14.22 -26.13 1.87
CA TYR D 233 -15.23 -25.75 2.86
C TYR D 233 -16.64 -26.26 2.53
N TYR D 234 -17.05 -26.10 1.27
CA TYR D 234 -18.40 -26.51 0.85
C TYR D 234 -18.56 -28.02 0.67
N LYS D 235 -17.44 -28.75 0.61
CA LYS D 235 -17.46 -30.22 0.67
C LYS D 235 -18.00 -30.69 2.00
N ASN D 236 -17.36 -30.26 3.08
CA ASN D 236 -17.71 -30.68 4.43
C ASN D 236 -18.96 -30.00 4.99
N ALA D 237 -18.97 -28.67 4.96
CA ALA D 237 -20.04 -27.88 5.59
C ALA D 237 -21.31 -27.72 4.74
N ARG D 238 -21.20 -27.97 3.44
CA ARG D 238 -22.34 -27.88 2.52
C ARG D 238 -22.96 -26.46 2.53
N ALA D 239 -24.27 -26.33 2.45
CA ALA D 239 -24.90 -25.01 2.48
C ALA D 239 -25.53 -24.65 3.84
N HIS D 240 -25.12 -25.37 4.89
CA HIS D 240 -25.65 -25.20 6.25
C HIS D 240 -25.86 -23.75 6.68
N SER D 241 -24.82 -22.93 6.57
CA SER D 241 -24.87 -21.53 6.98
C SER D 241 -24.71 -20.53 5.82
N MET D 242 -25.13 -20.95 4.63
CA MET D 242 -24.97 -20.17 3.40
C MET D 242 -26.15 -19.22 3.11
N GLY D 243 -27.29 -19.46 3.75
CA GLY D 243 -28.50 -18.66 3.50
C GLY D 243 -28.50 -17.30 4.18
N TYR D 244 -29.63 -16.60 4.04
CA TYR D 244 -29.81 -15.28 4.67
C TYR D 244 -30.48 -15.44 6.05
N TYR D 245 -30.71 -16.68 6.45
CA TYR D 245 -31.04 -17.01 7.83
C TYR D 245 -30.35 -18.31 8.22
N LEU D 246 -30.14 -18.50 9.52
CA LEU D 246 -29.50 -19.71 10.02
C LEU D 246 -30.51 -20.83 10.24
C1 GOL E . 13.34 2.40 25.08
O1 GOL E . 13.33 2.00 26.43
C2 GOL E . 12.36 1.53 24.27
O2 GOL E . 11.85 2.36 23.28
C3 GOL E . 13.09 0.37 23.60
O3 GOL E . 12.23 -0.45 22.85
C1 GOL F . -10.17 9.49 -25.14
O1 GOL F . -9.29 10.43 -25.69
C2 GOL F . -9.80 9.09 -23.72
O2 GOL F . -8.43 9.25 -23.51
C3 GOL F . -10.20 7.63 -23.54
O3 GOL F . -10.51 7.35 -22.21
C1 GOL G . 25.43 -12.98 1.70
O1 GOL G . 25.06 -11.70 1.26
C2 GOL G . 25.57 -13.96 0.55
O2 GOL G . 24.33 -14.23 -0.03
C3 GOL G . 26.04 -15.32 1.04
O3 GOL G . 27.03 -15.82 0.17
C1 GOL H . -27.18 7.85 -4.16
O1 GOL H . -27.82 9.08 -4.40
C2 GOL H . -28.16 6.78 -3.67
O2 GOL H . -29.02 6.41 -4.72
C3 GOL H . -27.41 5.53 -3.25
O3 GOL H . -27.01 5.60 -1.90
#